data_8PX1
#
_entry.id   8PX1
#
_cell.length_a   96.080
_cell.length_b   75.020
_cell.length_c   101.890
_cell.angle_alpha   90.00
_cell.angle_beta   109.52
_cell.angle_gamma   90.00
#
_symmetry.space_group_name_H-M   'P 1 21 1'
#
loop_
_entity.id
_entity.type
_entity.pdbx_description
1 polymer 'Non-LEE encoded effector protein NleB'
2 water water
#
_entity_poly.entity_id   1
_entity_poly.type   'polypeptide(L)'
_entity_poly.pdbx_seq_one_letter_code
;YSHTATPAITLPSSGSANFAGVEYPLLPLDQHTPLLFQWFERNPSRFGENQIPIINTQQNPYLNNIINAAIIEKERTIGV
LVDGNFSAGQKKALAKLEKQYENIKVIYNSDLDYS(MSE)YDKKLSDIYLENIAKIEAQPANVRDEYLLGEIKKSLNEVL
KNNPEESLVSSHDKRLGHVRFDFYRNLFLLKGSNAFLEAGKHGCHHLQPGGGCIYLDAD(MSE)LLTGKLGTLYLPDGIA
VHVSRKGNS(MSE)SLENGIIAVNRSEHPALKKGLEI(MSE)HSKPYGDPYIDGVCGGLRHYFNCSIRHNYEEFCNFIEF
KHEHIF(MSE)DTSSLTISS
;
_entity_poly.pdbx_strand_id   A,B,C,D
#
# COMPACT_ATOMS: atom_id res chain seq x y z
N SER A 13 0.74 -16.32 2.59
CA SER A 13 0.72 -17.74 3.04
C SER A 13 -0.03 -17.88 4.37
N SER A 14 0.19 -16.97 5.33
CA SER A 14 -0.57 -16.86 6.61
C SER A 14 -0.86 -15.39 6.99
N GLY A 15 -0.89 -14.49 5.99
CA GLY A 15 -1.16 -13.05 6.19
C GLY A 15 -0.06 -12.15 5.65
N SER A 16 -0.36 -10.87 5.47
CA SER A 16 0.58 -9.86 4.93
C SER A 16 0.18 -8.46 5.41
N ALA A 17 1.17 -7.63 5.72
CA ALA A 17 0.99 -6.21 6.12
C ALA A 17 1.93 -5.32 5.29
N ASN A 18 1.46 -4.12 4.95
CA ASN A 18 2.17 -3.21 4.00
C ASN A 18 2.60 -1.94 4.74
N PHE A 19 3.86 -1.53 4.59
CA PHE A 19 4.32 -0.21 5.06
C PHE A 19 5.43 0.30 4.13
N ALA A 20 5.29 1.56 3.68
CA ALA A 20 6.27 2.24 2.80
C ALA A 20 6.51 1.39 1.54
N GLY A 21 5.42 0.92 0.93
CA GLY A 21 5.43 0.11 -0.31
C GLY A 21 6.26 -1.16 -0.21
N VAL A 22 6.31 -1.75 0.98
CA VAL A 22 7.00 -3.05 1.21
C VAL A 22 6.01 -3.97 1.92
N GLU A 23 5.86 -5.20 1.40
CA GLU A 23 4.99 -6.24 2.00
C GLU A 23 5.78 -6.96 3.09
N TYR A 24 5.16 -7.15 4.24
CA TYR A 24 5.78 -7.89 5.36
C TYR A 24 4.82 -9.02 5.70
N PRO A 25 5.24 -10.29 5.54
CA PRO A 25 4.44 -11.41 5.99
C PRO A 25 4.21 -11.37 7.51
N LEU A 26 2.95 -11.63 7.88
CA LEU A 26 2.56 -11.83 9.28
C LEU A 26 3.12 -13.16 9.77
N LEU A 27 4.12 -13.12 10.64
CA LEU A 27 4.73 -14.35 11.20
C LEU A 27 4.04 -14.69 12.52
N PRO A 28 3.77 -15.99 12.74
CA PRO A 28 3.06 -16.42 13.95
C PRO A 28 3.92 -16.45 15.21
N LEU A 29 3.35 -16.07 16.35
CA LEU A 29 3.93 -16.31 17.68
C LEU A 29 3.02 -17.32 18.37
N ASP A 30 3.47 -18.58 18.48
CA ASP A 30 2.61 -19.69 18.95
C ASP A 30 2.15 -19.42 20.38
N GLN A 31 1.12 -20.14 20.81
CA GLN A 31 0.47 -19.97 22.12
C GLN A 31 1.39 -20.39 23.28
N HIS A 32 2.62 -20.81 22.94
CA HIS A 32 3.64 -21.22 23.95
C HIS A 32 4.69 -20.12 24.13
N THR A 33 4.71 -19.11 23.25
CA THR A 33 5.63 -17.97 23.41
C THR A 33 5.49 -17.46 24.85
N PRO A 34 6.60 -17.39 25.62
CA PRO A 34 6.48 -16.92 27.00
C PRO A 34 6.05 -15.44 27.11
N LEU A 35 5.36 -15.12 28.19
CA LEU A 35 5.09 -13.74 28.65
C LEU A 35 6.21 -13.28 29.59
N LEU A 36 6.50 -11.99 29.55
CA LEU A 36 7.55 -11.42 30.40
C LEU A 36 7.02 -10.17 31.09
N PHE A 37 7.13 -10.15 32.41
CA PHE A 37 6.96 -8.96 33.27
C PHE A 37 8.32 -8.62 33.86
N GLN A 38 8.47 -7.35 34.26
CA GLN A 38 9.72 -6.80 34.82
C GLN A 38 9.43 -6.08 36.14
N TRP A 39 10.12 -6.43 37.20
CA TRP A 39 10.04 -5.63 38.45
C TRP A 39 11.44 -5.40 38.97
N PHE A 40 11.97 -4.21 38.75
CA PHE A 40 13.27 -3.77 39.32
C PHE A 40 12.96 -2.85 40.49
N GLU A 41 13.29 -3.29 41.70
CA GLU A 41 12.95 -2.59 42.96
C GLU A 41 14.20 -1.89 43.48
N ARG A 42 14.10 -0.58 43.67
CA ARG A 42 15.20 0.26 44.21
C ARG A 42 15.24 0.11 45.73
N ASN A 43 14.07 0.10 46.37
CA ASN A 43 13.91 0.10 47.85
C ASN A 43 13.07 -1.11 48.26
N PRO A 44 13.65 -2.31 48.35
CA PRO A 44 12.91 -3.50 48.76
C PRO A 44 12.46 -3.47 50.23
N SER A 45 13.14 -2.68 51.06
CA SER A 45 12.82 -2.54 52.49
C SER A 45 11.43 -1.92 52.68
N ARG A 46 10.88 -1.23 51.68
CA ARG A 46 9.50 -0.69 51.77
C ARG A 46 8.48 -1.84 51.87
N PHE A 47 8.85 -3.07 51.49
CA PHE A 47 7.99 -4.26 51.63
C PHE A 47 8.39 -5.03 52.89
N GLY A 48 7.46 -5.78 53.48
CA GLY A 48 7.74 -6.68 54.62
C GLY A 48 8.88 -7.64 54.31
N GLU A 49 9.60 -8.09 55.32
CA GLU A 49 10.76 -8.99 55.13
C GLU A 49 10.31 -10.36 54.60
N ASN A 50 9.02 -10.68 54.68
CA ASN A 50 8.50 -11.99 54.22
C ASN A 50 7.42 -11.80 53.15
N GLN A 51 7.38 -10.62 52.52
CA GLN A 51 6.37 -10.31 51.50
C GLN A 51 7.03 -10.42 50.12
N ILE A 52 6.23 -10.78 49.12
CA ILE A 52 6.66 -10.70 47.70
C ILE A 52 7.00 -9.23 47.43
N PRO A 53 8.26 -8.91 47.12
CA PRO A 53 8.69 -7.53 46.93
C PRO A 53 8.25 -6.93 45.58
N ILE A 54 6.97 -7.08 45.26
CA ILE A 54 6.34 -6.46 44.05
C ILE A 54 5.18 -5.61 44.53
N ILE A 55 5.03 -4.42 43.96
CA ILE A 55 3.97 -3.47 44.37
C ILE A 55 2.61 -4.13 44.13
N ASN A 56 1.69 -3.99 45.07
CA ASN A 56 0.35 -4.61 44.95
C ASN A 56 -0.66 -3.78 45.73
N THR A 57 -0.78 -2.50 45.40
CA THR A 57 -1.80 -1.61 45.98
C THR A 57 -3.00 -1.60 45.06
N GLN A 58 -4.09 -0.94 45.45
CA GLN A 58 -5.28 -0.82 44.57
C GLN A 58 -4.99 0.22 43.48
N GLN A 59 -4.04 1.11 43.71
CA GLN A 59 -3.60 2.06 42.66
C GLN A 59 -2.69 1.32 41.67
N ASN A 60 -1.83 0.42 42.14
CA ASN A 60 -0.87 -0.34 41.31
C ASN A 60 -0.93 -1.81 41.70
N PRO A 61 -1.96 -2.55 41.23
CA PRO A 61 -2.11 -3.98 41.56
C PRO A 61 -1.26 -4.87 40.64
N TYR A 62 0.05 -4.65 40.65
CA TYR A 62 0.97 -5.26 39.67
C TYR A 62 1.08 -6.76 39.95
N LEU A 63 1.24 -7.16 41.20
CA LEU A 63 1.33 -8.60 41.55
C LEU A 63 0.03 -9.30 41.16
N ASN A 64 -1.12 -8.69 41.43
CA ASN A 64 -2.44 -9.25 41.03
C ASN A 64 -2.49 -9.39 39.51
N ASN A 65 -2.03 -8.39 38.77
CA ASN A 65 -2.09 -8.41 37.29
C ASN A 65 -1.21 -9.55 36.75
N ILE A 66 -0.08 -9.80 37.40
CA ILE A 66 0.87 -10.87 36.96
C ILE A 66 0.21 -12.22 37.22
N ILE A 67 -0.39 -12.37 38.40
CA ILE A 67 -1.07 -13.63 38.78
C ILE A 67 -2.25 -13.86 37.83
N ASN A 68 -3.04 -12.83 37.58
CA ASN A 68 -4.26 -12.97 36.75
C ASN A 68 -3.84 -13.44 35.36
N ALA A 69 -2.69 -12.96 34.84
CA ALA A 69 -2.18 -13.38 33.52
C ALA A 69 -1.77 -14.86 33.60
N ALA A 70 -1.16 -15.28 34.71
CA ALA A 70 -0.71 -16.66 34.88
C ALA A 70 -1.92 -17.60 35.02
N ILE A 71 -2.99 -17.14 35.68
CA ILE A 71 -4.26 -17.89 35.83
C ILE A 71 -4.90 -18.08 34.46
N ILE A 72 -4.94 -17.04 33.65
CA ILE A 72 -5.61 -17.11 32.31
C ILE A 72 -4.81 -18.04 31.40
N GLU A 73 -3.50 -17.81 31.33
CA GLU A 73 -2.59 -18.49 30.38
C GLU A 73 -1.93 -19.66 31.12
N LYS A 74 -2.68 -20.73 31.35
CA LYS A 74 -2.23 -21.89 32.16
C LYS A 74 -1.04 -22.59 31.49
N GLU A 75 -1.08 -22.82 30.18
CA GLU A 75 -0.06 -23.62 29.45
C GLU A 75 1.24 -22.81 29.27
N ARG A 76 1.16 -21.48 29.29
CA ARG A 76 2.23 -20.58 28.82
C ARG A 76 3.19 -20.24 29.96
N THR A 77 4.47 -20.26 29.69
CA THR A 77 5.49 -19.82 30.66
C THR A 77 5.35 -18.31 30.91
N ILE A 78 5.26 -17.93 32.17
CA ILE A 78 5.15 -16.52 32.59
C ILE A 78 6.45 -16.13 33.30
N GLY A 79 7.25 -15.27 32.66
CA GLY A 79 8.51 -14.76 33.21
C GLY A 79 8.30 -13.51 34.04
N VAL A 80 8.96 -13.44 35.19
CA VAL A 80 9.08 -12.19 35.99
C VAL A 80 10.57 -11.90 36.17
N LEU A 81 11.09 -10.95 35.39
CA LEU A 81 12.52 -10.52 35.49
C LEU A 81 12.64 -9.52 36.65
N VAL A 82 13.32 -9.92 37.72
CA VAL A 82 13.45 -9.08 38.94
C VAL A 82 14.90 -8.65 39.13
N ASP A 83 15.09 -7.57 39.86
CA ASP A 83 16.42 -7.08 40.29
C ASP A 83 16.25 -6.24 41.55
N GLY A 84 17.30 -6.16 42.36
CA GLY A 84 17.29 -5.36 43.60
C GLY A 84 17.83 -6.12 44.79
N ASN A 85 18.04 -5.43 45.90
CA ASN A 85 18.70 -5.98 47.10
C ASN A 85 17.65 -6.61 48.01
N PHE A 86 17.04 -7.70 47.58
CA PHE A 86 15.94 -8.37 48.33
C PHE A 86 16.50 -9.11 49.55
N SER A 87 15.77 -9.05 50.66
CA SER A 87 16.07 -9.83 51.90
C SER A 87 15.86 -11.32 51.61
N ALA A 88 16.46 -12.17 52.45
CA ALA A 88 16.36 -13.64 52.33
C ALA A 88 14.90 -14.08 52.36
N GLY A 89 14.07 -13.44 53.19
CA GLY A 89 12.64 -13.78 53.30
C GLY A 89 11.86 -13.35 52.08
N GLN A 90 12.24 -12.26 51.45
CA GLN A 90 11.56 -11.77 50.23
C GLN A 90 11.90 -12.70 49.05
N LYS A 91 13.10 -13.26 49.01
CA LYS A 91 13.49 -14.22 47.95
C LYS A 91 12.72 -15.53 48.15
N LYS A 92 12.47 -15.94 49.39
CA LYS A 92 11.69 -17.17 49.69
C LYS A 92 10.24 -16.95 49.27
N ALA A 93 9.71 -15.75 49.49
CA ALA A 93 8.34 -15.41 49.07
C ALA A 93 8.24 -15.44 47.53
N LEU A 94 9.30 -15.01 46.85
CA LEU A 94 9.36 -15.12 45.36
C LEU A 94 9.48 -16.59 44.97
N ALA A 95 10.28 -17.35 45.73
CA ALA A 95 10.46 -18.80 45.47
C ALA A 95 9.12 -19.51 45.68
N LYS A 96 8.33 -19.07 46.65
CA LYS A 96 7.00 -19.66 46.98
C LYS A 96 6.01 -19.30 45.89
N LEU A 97 6.11 -18.11 45.31
CA LEU A 97 5.20 -17.72 44.20
C LEU A 97 5.40 -18.67 43.01
N GLU A 98 6.64 -19.06 42.72
CA GLU A 98 6.96 -19.99 41.59
C GLU A 98 6.37 -21.36 41.91
N LYS A 99 6.06 -21.63 43.17
CA LYS A 99 5.50 -22.94 43.60
C LYS A 99 3.98 -22.90 43.51
N GLN A 100 3.34 -21.80 43.90
CA GLN A 100 1.85 -21.71 43.87
C GLN A 100 1.36 -21.65 42.42
N TYR A 101 2.19 -21.17 41.48
CA TYR A 101 1.85 -21.00 40.04
C TYR A 101 2.96 -21.62 39.21
N GLU A 102 2.76 -22.85 38.74
CA GLU A 102 3.80 -23.66 38.08
C GLU A 102 4.37 -22.88 36.89
N ASN A 103 3.55 -22.11 36.18
CA ASN A 103 3.98 -21.44 34.92
C ASN A 103 4.71 -20.12 35.21
N ILE A 104 4.73 -19.65 36.46
CA ILE A 104 5.51 -18.44 36.83
C ILE A 104 6.96 -18.82 37.11
N LYS A 105 7.88 -18.18 36.38
CA LYS A 105 9.34 -18.33 36.55
C LYS A 105 9.91 -16.97 36.96
N VAL A 106 10.48 -16.90 38.15
CA VAL A 106 11.17 -15.67 38.63
C VAL A 106 12.63 -15.76 38.17
N ILE A 107 13.05 -14.80 37.35
CA ILE A 107 14.45 -14.71 36.86
C ILE A 107 15.08 -13.48 37.48
N TYR A 108 16.18 -13.67 38.20
CA TYR A 108 17.02 -12.57 38.74
C TYR A 108 17.90 -12.06 37.60
N ASN A 109 17.84 -10.75 37.31
CA ASN A 109 18.63 -10.11 36.23
C ASN A 109 20.12 -10.40 36.43
N SER A 110 20.60 -10.45 37.67
CA SER A 110 22.03 -10.74 37.99
C SER A 110 22.45 -12.15 37.54
N ASP A 111 21.52 -13.08 37.34
CA ASP A 111 21.87 -14.46 36.92
C ASP A 111 22.02 -14.55 35.39
N LEU A 112 21.78 -13.48 34.64
CA LEU A 112 21.96 -13.52 33.16
C LEU A 112 23.28 -12.84 32.76
N ASP A 113 23.90 -13.32 31.68
CA ASP A 113 25.16 -12.76 31.17
C ASP A 113 24.84 -11.93 29.93
N TYR A 114 25.00 -10.61 30.04
CA TYR A 114 24.70 -9.66 28.94
C TYR A 114 25.98 -9.18 28.27
N SER A 115 27.13 -9.76 28.56
CA SER A 115 28.45 -9.23 28.12
C SER A 115 28.58 -9.27 26.60
N MSE A 116 27.87 -10.14 25.90
CA MSE A 116 27.92 -10.25 24.41
C MSE A 116 27.22 -9.07 23.73
O MSE A 116 27.41 -8.87 22.52
CB MSE A 116 27.30 -11.56 23.90
CG MSE A 116 25.77 -11.70 24.04
SE MSE A 116 25.23 -12.03 25.92
CE MSE A 116 26.33 -13.60 26.36
N TYR A 117 26.42 -8.31 24.48
CA TYR A 117 25.71 -7.11 23.95
C TYR A 117 26.44 -5.82 24.36
N ASP A 118 27.54 -5.94 25.10
CA ASP A 118 28.20 -4.78 25.73
C ASP A 118 29.18 -4.12 24.76
N LYS A 119 29.57 -2.89 25.08
CA LYS A 119 30.61 -2.15 24.32
C LYS A 119 31.23 -1.10 25.25
N LYS A 120 32.53 -0.83 25.08
CA LYS A 120 33.23 0.15 25.94
C LYS A 120 32.83 1.56 25.53
N LEU A 121 32.54 2.40 26.51
CA LEU A 121 32.18 3.82 26.27
C LEU A 121 33.32 4.53 25.55
N SER A 122 34.56 4.25 25.91
CA SER A 122 35.72 4.92 25.28
C SER A 122 35.73 4.60 23.79
N ASP A 123 35.32 3.40 23.39
CA ASP A 123 35.29 3.02 21.95
C ASP A 123 34.19 3.83 21.25
N ILE A 124 33.03 4.00 21.86
CA ILE A 124 31.89 4.74 21.24
C ILE A 124 32.30 6.20 21.05
N TYR A 125 32.88 6.81 22.08
CA TYR A 125 33.26 8.24 22.06
C TYR A 125 34.36 8.48 21.03
N LEU A 126 35.38 7.62 20.99
CA LEU A 126 36.49 7.79 20.01
C LEU A 126 35.95 7.69 18.59
N GLU A 127 35.06 6.73 18.32
CA GLU A 127 34.48 6.55 16.97
C GLU A 127 33.79 7.87 16.58
N ASN A 128 33.03 8.46 17.50
CA ASN A 128 32.20 9.65 17.17
C ASN A 128 33.08 10.88 17.03
N ILE A 129 34.12 10.99 17.85
CA ILE A 129 35.10 12.11 17.75
C ILE A 129 35.75 12.04 16.38
N ALA A 130 36.12 10.86 15.91
CA ALA A 130 36.74 10.68 14.58
C ALA A 130 35.70 10.97 13.50
N LYS A 131 34.44 10.53 13.66
CA LYS A 131 33.39 10.73 12.63
C LYS A 131 33.13 12.24 12.48
N ILE A 132 32.96 12.95 13.59
CA ILE A 132 32.60 14.39 13.61
C ILE A 132 33.77 15.22 13.05
N GLU A 133 35.00 14.84 13.37
CA GLU A 133 36.21 15.58 12.96
C GLU A 133 36.49 15.42 11.47
N ALA A 134 36.00 14.35 10.84
CA ALA A 134 36.14 14.11 9.38
C ALA A 134 35.24 15.10 8.64
N GLN A 135 34.08 15.42 9.22
CA GLN A 135 33.08 16.36 8.63
C GLN A 135 33.76 17.71 8.41
N PRO A 136 33.36 18.49 7.39
CA PRO A 136 33.78 19.88 7.27
C PRO A 136 33.24 20.76 8.41
N ALA A 137 33.88 21.91 8.66
CA ALA A 137 33.57 22.86 9.77
C ALA A 137 32.14 23.42 9.69
N ASN A 138 31.54 23.51 8.50
CA ASN A 138 30.23 24.16 8.28
C ASN A 138 29.08 23.20 8.62
N VAL A 139 29.35 21.91 8.85
CA VAL A 139 28.30 20.89 9.17
C VAL A 139 28.54 20.24 10.55
N ARG A 140 29.68 20.48 11.18
CA ARG A 140 30.06 19.83 12.46
C ARG A 140 29.17 20.28 13.62
N ASP A 141 28.60 19.33 14.37
CA ASP A 141 27.89 19.61 15.64
C ASP A 141 28.96 19.89 16.69
N GLU A 142 29.41 21.14 16.77
CA GLU A 142 30.54 21.59 17.62
C GLU A 142 30.15 21.42 19.09
N TYR A 143 28.89 21.62 19.45
CA TYR A 143 28.46 21.41 20.84
C TYR A 143 28.59 19.94 21.20
N LEU A 144 28.13 19.05 20.31
CA LEU A 144 28.12 17.59 20.57
C LEU A 144 29.57 17.09 20.70
N LEU A 145 30.45 17.57 19.83
CA LEU A 145 31.87 17.15 19.81
C LEU A 145 32.48 17.45 21.18
N GLY A 146 32.29 18.67 21.69
CA GLY A 146 32.80 19.09 23.00
C GLY A 146 32.24 18.23 24.11
N GLU A 147 30.97 17.90 24.04
CA GLU A 147 30.28 17.07 25.08
C GLU A 147 30.85 15.65 25.08
N ILE A 148 31.07 15.08 23.91
CA ILE A 148 31.60 13.70 23.78
C ILE A 148 33.02 13.69 24.38
N LYS A 149 33.85 14.65 23.96
CA LYS A 149 35.25 14.76 24.45
C LYS A 149 35.20 14.92 25.96
N LYS A 150 34.23 15.66 26.47
CA LYS A 150 34.06 15.83 27.92
C LYS A 150 33.71 14.49 28.55
N SER A 151 32.76 13.76 27.99
CA SER A 151 32.32 12.43 28.49
C SER A 151 33.50 11.45 28.47
N LEU A 152 34.28 11.45 27.38
CA LEU A 152 35.46 10.56 27.26
C LEU A 152 36.46 10.90 28.36
N ASN A 153 36.71 12.18 28.59
CA ASN A 153 37.72 12.64 29.56
C ASN A 153 37.30 12.14 30.95
N GLU A 154 36.02 12.17 31.29
CA GLU A 154 35.58 11.74 32.64
C GLU A 154 35.72 10.22 32.74
N VAL A 155 35.56 9.50 31.63
CA VAL A 155 35.72 8.03 31.64
C VAL A 155 37.19 7.71 31.89
N LEU A 156 38.09 8.35 31.14
CA LEU A 156 39.56 8.10 31.28
C LEU A 156 40.05 8.54 32.67
N LYS A 157 39.35 9.44 33.35
CA LYS A 157 39.78 9.93 34.68
C LYS A 157 39.13 9.14 35.82
N ASN A 158 38.02 8.44 35.59
CA ASN A 158 37.24 7.86 36.71
C ASN A 158 37.06 6.35 36.55
N ASN A 159 36.87 5.85 35.33
CA ASN A 159 36.54 4.43 35.05
C ASN A 159 36.79 4.14 33.58
N PRO A 160 38.07 3.96 33.17
CA PRO A 160 38.41 3.81 31.75
C PRO A 160 37.80 2.58 31.06
N GLU A 161 37.37 1.60 31.85
CA GLU A 161 36.74 0.36 31.33
C GLU A 161 35.21 0.48 31.34
N GLU A 162 34.65 1.65 31.62
CA GLU A 162 33.18 1.83 31.69
C GLU A 162 32.56 1.41 30.34
N SER A 163 31.51 0.62 30.41
CA SER A 163 30.78 0.11 29.23
C SER A 163 29.30 0.49 29.32
N LEU A 164 28.58 0.22 28.24
CA LEU A 164 27.12 0.43 28.19
C LEU A 164 26.46 -0.27 29.38
N VAL A 165 26.87 -1.49 29.69
CA VAL A 165 26.23 -2.28 30.77
C VAL A 165 26.58 -1.66 32.13
N SER A 166 27.86 -1.40 32.39
CA SER A 166 28.32 -0.87 33.70
C SER A 166 27.76 0.54 33.91
N SER A 167 27.75 1.37 32.88
CA SER A 167 27.18 2.75 32.98
C SER A 167 25.68 2.67 33.21
N HIS A 168 24.95 1.82 32.48
CA HIS A 168 23.48 1.68 32.66
C HIS A 168 23.19 1.00 34.00
N ASP A 169 24.11 0.21 34.51
CA ASP A 169 23.96 -0.46 35.83
C ASP A 169 23.89 0.59 36.95
N LYS A 170 24.48 1.76 36.74
CA LYS A 170 24.55 2.84 37.77
C LYS A 170 23.35 3.80 37.68
N ARG A 171 22.67 3.88 36.54
CA ARG A 171 21.57 4.86 36.31
C ARG A 171 20.43 4.48 37.24
N LEU A 172 19.50 5.40 37.44
CA LEU A 172 18.30 5.18 38.29
C LEU A 172 17.04 5.32 37.41
N GLY A 173 15.97 4.65 37.81
CA GLY A 173 14.67 4.72 37.13
C GLY A 173 14.61 3.93 35.82
N HIS A 174 13.78 4.42 34.93
CA HIS A 174 13.27 3.64 33.77
C HIS A 174 14.40 3.35 32.80
N VAL A 175 15.41 4.21 32.69
CA VAL A 175 16.47 4.03 31.65
C VAL A 175 17.20 2.71 31.89
N ARG A 176 17.36 2.29 33.14
CA ARG A 176 18.03 0.99 33.42
C ARG A 176 17.07 -0.17 33.20
N PHE A 177 15.79 -0.02 33.54
CA PHE A 177 14.75 -1.04 33.25
C PHE A 177 14.70 -1.27 31.74
N ASP A 178 14.57 -0.19 30.97
CA ASP A 178 14.43 -0.24 29.49
C ASP A 178 15.66 -0.91 28.87
N PHE A 179 16.84 -0.66 29.43
CA PHE A 179 18.11 -1.18 28.88
C PHE A 179 18.10 -2.71 28.96
N TYR A 180 17.80 -3.25 30.13
CA TYR A 180 17.82 -4.71 30.34
C TYR A 180 16.62 -5.37 29.65
N ARG A 181 15.51 -4.65 29.53
CA ARG A 181 14.32 -5.18 28.83
C ARG A 181 14.71 -5.53 27.40
N ASN A 182 15.39 -4.63 26.72
CA ASN A 182 15.80 -4.86 25.30
C ASN A 182 16.71 -6.08 25.21
N LEU A 183 17.65 -6.20 26.14
CA LEU A 183 18.68 -7.25 26.07
C LEU A 183 18.02 -8.60 26.37
N PHE A 184 17.13 -8.66 27.36
CA PHE A 184 16.37 -9.90 27.65
C PHE A 184 15.62 -10.35 26.40
N LEU A 185 14.95 -9.43 25.71
CA LEU A 185 14.14 -9.79 24.51
C LEU A 185 15.05 -10.25 23.36
N LEU A 186 16.28 -9.77 23.30
CA LEU A 186 17.25 -10.27 22.30
C LEU A 186 17.62 -11.71 22.62
N LYS A 187 17.71 -12.08 23.91
CA LYS A 187 17.91 -13.50 24.31
C LYS A 187 16.66 -14.29 23.95
N GLY A 188 15.50 -13.66 24.04
CA GLY A 188 14.20 -14.34 23.87
C GLY A 188 14.01 -15.49 24.83
N SER A 189 13.44 -16.58 24.33
CA SER A 189 13.14 -17.82 25.12
C SER A 189 14.41 -18.40 25.76
N ASN A 190 15.57 -18.25 25.11
CA ASN A 190 16.89 -18.71 25.61
C ASN A 190 17.12 -18.20 27.03
N ALA A 191 16.62 -17.03 27.39
CA ALA A 191 16.89 -16.39 28.70
C ALA A 191 16.36 -17.28 29.84
N PHE A 192 15.23 -17.93 29.63
CA PHE A 192 14.64 -18.85 30.64
C PHE A 192 15.55 -20.07 30.78
N LEU A 193 16.10 -20.54 29.65
CA LEU A 193 17.00 -21.72 29.65
C LEU A 193 18.31 -21.33 30.32
N GLU A 194 18.84 -20.16 29.99
CA GLU A 194 20.11 -19.66 30.57
C GLU A 194 19.95 -19.54 32.09
N ALA A 195 18.83 -19.01 32.57
CA ALA A 195 18.56 -18.80 34.00
C ALA A 195 18.29 -20.14 34.72
N GLY A 196 18.18 -21.25 34.00
CA GLY A 196 17.94 -22.57 34.63
C GLY A 196 16.55 -22.68 35.25
N LYS A 197 15.54 -22.20 34.53
CA LYS A 197 14.11 -22.44 34.82
C LYS A 197 13.69 -23.81 34.28
N HIS A 198 13.25 -24.67 35.19
CA HIS A 198 12.82 -26.06 34.91
C HIS A 198 11.36 -26.10 34.51
N GLY A 199 10.98 -27.06 33.67
CA GLY A 199 9.57 -27.32 33.32
C GLY A 199 8.99 -26.25 32.42
N CYS A 200 9.78 -25.57 31.60
CA CYS A 200 9.26 -24.60 30.60
C CYS A 200 8.73 -25.36 29.38
N HIS A 201 7.41 -25.49 29.33
CA HIS A 201 6.63 -26.28 28.35
C HIS A 201 6.76 -25.66 26.95
N HIS A 202 7.28 -26.43 26.01
CA HIS A 202 7.32 -26.09 24.56
C HIS A 202 8.23 -24.87 24.35
N LEU A 203 9.02 -24.52 25.36
CA LEU A 203 9.92 -23.36 25.25
C LEU A 203 11.16 -23.75 24.43
N GLN A 204 11.33 -23.12 23.28
CA GLN A 204 12.39 -23.55 22.34
C GLN A 204 13.54 -22.56 22.35
N PRO A 205 14.79 -23.04 22.25
CA PRO A 205 15.91 -22.14 21.95
C PRO A 205 15.70 -21.45 20.60
N GLY A 206 16.09 -20.18 20.53
CA GLY A 206 15.78 -19.30 19.37
C GLY A 206 14.36 -18.75 19.42
N GLY A 207 13.55 -19.18 20.40
CA GLY A 207 12.15 -18.75 20.51
C GLY A 207 12.02 -17.29 20.90
N GLY A 208 10.83 -16.73 20.63
CA GLY A 208 10.50 -15.34 20.96
C GLY A 208 10.02 -15.16 22.40
N CYS A 209 9.34 -14.03 22.63
CA CYS A 209 8.93 -13.58 23.98
C CYS A 209 7.95 -12.42 23.79
N ILE A 210 7.05 -12.23 24.76
CA ILE A 210 6.09 -11.11 24.74
C ILE A 210 6.25 -10.35 26.05
N TYR A 211 6.84 -9.16 26.00
CA TYR A 211 6.93 -8.28 27.19
C TYR A 211 5.59 -7.56 27.38
N LEU A 212 5.10 -7.51 28.60
CA LEU A 212 3.89 -6.72 28.98
C LEU A 212 4.21 -5.87 30.22
N ASP A 213 3.82 -4.60 30.19
CA ASP A 213 3.88 -3.75 31.41
C ASP A 213 2.94 -4.36 32.43
N ALA A 214 3.33 -4.27 33.70
CA ALA A 214 2.60 -4.93 34.81
C ALA A 214 1.30 -4.17 35.10
N ASP A 215 1.15 -2.94 34.64
CA ASP A 215 -0.09 -2.16 34.90
C ASP A 215 -1.17 -2.57 33.90
N MSE A 216 -0.88 -3.48 32.98
CA MSE A 216 -1.86 -3.95 31.97
C MSE A 216 -2.45 -5.29 32.39
O MSE A 216 -1.71 -6.14 32.93
CB MSE A 216 -1.22 -4.07 30.60
CG MSE A 216 -0.91 -2.72 30.03
SE MSE A 216 -0.05 -3.02 28.36
CE MSE A 216 0.40 -1.19 28.03
N LEU A 217 -3.74 -5.45 32.16
CA LEU A 217 -4.51 -6.62 32.63
C LEU A 217 -4.78 -7.50 31.41
N LEU A 218 -4.30 -8.73 31.45
CA LEU A 218 -4.74 -9.77 30.49
C LEU A 218 -6.07 -10.36 30.99
N THR A 219 -7.11 -10.30 30.17
CA THR A 219 -8.47 -10.77 30.54
C THR A 219 -8.90 -12.02 29.73
N GLY A 220 -8.05 -12.48 28.82
CA GLY A 220 -8.31 -13.71 28.06
C GLY A 220 -7.04 -14.22 27.41
N LYS A 221 -7.06 -15.43 26.89
CA LYS A 221 -5.86 -16.04 26.29
C LYS A 221 -5.53 -15.29 25.00
N LEU A 222 -4.25 -15.10 24.74
CA LEU A 222 -3.78 -14.37 23.54
C LEU A 222 -3.88 -15.27 22.31
N GLY A 223 -3.75 -16.58 22.51
CA GLY A 223 -3.65 -17.56 21.41
C GLY A 223 -2.42 -17.29 20.58
N THR A 224 -2.54 -17.42 19.26
CA THR A 224 -1.41 -17.22 18.33
C THR A 224 -1.52 -15.81 17.78
N LEU A 225 -0.46 -15.02 17.87
CA LEU A 225 -0.43 -13.65 17.29
C LEU A 225 0.21 -13.75 15.91
N TYR A 226 -0.17 -12.85 15.02
CA TYR A 226 0.41 -12.75 13.66
C TYR A 226 0.91 -11.31 13.47
N LEU A 227 2.22 -11.12 13.48
CA LEU A 227 2.86 -9.78 13.51
C LEU A 227 3.80 -9.61 12.33
N PRO A 228 3.92 -8.38 11.80
CA PRO A 228 4.74 -8.15 10.61
C PRO A 228 6.22 -8.44 10.92
N ASP A 229 6.78 -9.39 10.19
CA ASP A 229 8.13 -9.98 10.44
C ASP A 229 8.29 -10.33 11.92
N GLY A 230 7.20 -10.76 12.56
CA GLY A 230 7.22 -11.31 13.91
C GLY A 230 7.55 -10.29 14.98
N ILE A 231 7.24 -9.01 14.76
CA ILE A 231 7.41 -7.98 15.83
C ILE A 231 6.23 -7.02 15.84
N ALA A 232 5.88 -6.56 17.04
CA ALA A 232 4.91 -5.47 17.24
C ALA A 232 5.21 -4.82 18.58
N VAL A 233 4.84 -3.56 18.73
CA VAL A 233 5.03 -2.83 20.02
C VAL A 233 3.75 -2.09 20.36
N HIS A 234 3.65 -1.70 21.63
CA HIS A 234 2.56 -0.86 22.12
C HIS A 234 2.60 0.49 21.43
N VAL A 235 1.42 1.00 21.10
CA VAL A 235 1.24 2.39 20.61
C VAL A 235 0.28 3.05 21.56
N SER A 236 0.76 3.98 22.38
CA SER A 236 -0.08 4.67 23.38
C SER A 236 -0.78 5.83 22.70
N ARG A 237 -1.99 6.09 23.13
CA ARG A 237 -2.80 7.26 22.73
C ARG A 237 -3.06 8.08 23.99
N LYS A 238 -2.64 9.33 23.95
CA LYS A 238 -2.86 10.33 25.03
C LYS A 238 -3.44 11.58 24.38
N GLY A 239 -4.60 12.04 24.85
CA GLY A 239 -5.35 13.10 24.15
C GLY A 239 -5.59 12.71 22.70
N ASN A 240 -5.05 13.44 21.74
CA ASN A 240 -5.21 13.15 20.30
C ASN A 240 -3.86 12.72 19.71
N SER A 241 -2.93 12.34 20.56
CA SER A 241 -1.55 11.97 20.13
C SER A 241 -1.38 10.48 20.25
N MSE A 242 -0.47 9.95 19.45
CA MSE A 242 -0.03 8.56 19.54
C MSE A 242 1.50 8.55 19.54
O MSE A 242 2.12 9.51 19.08
CB MSE A 242 -0.69 7.76 18.42
CG MSE A 242 -0.03 7.89 17.08
SE MSE A 242 -1.25 7.16 15.73
CE MSE A 242 -1.89 5.45 16.46
N SER A 243 2.05 7.49 20.12
CA SER A 243 3.51 7.37 20.32
C SER A 243 3.90 5.90 20.37
N LEU A 244 4.97 5.51 19.67
CA LEU A 244 5.61 4.19 19.88
C LEU A 244 5.99 4.07 21.36
N GLU A 245 5.70 2.93 21.98
CA GLU A 245 5.97 2.68 23.42
C GLU A 245 6.65 1.32 23.59
N ASN A 246 7.33 1.14 24.70
CA ASN A 246 7.97 -0.15 25.06
C ASN A 246 7.16 -0.86 26.15
N GLY A 247 5.93 -0.42 26.42
CA GLY A 247 5.01 -1.06 27.38
C GLY A 247 4.59 -2.46 26.93
N ILE A 248 4.56 -2.69 25.62
CA ILE A 248 4.40 -4.06 25.06
C ILE A 248 5.44 -4.23 23.96
N ILE A 249 6.20 -5.31 24.02
CA ILE A 249 7.13 -5.72 22.93
C ILE A 249 6.95 -7.22 22.68
N ALA A 250 6.54 -7.58 21.48
CA ALA A 250 6.34 -8.98 21.08
C ALA A 250 7.30 -9.31 19.95
N VAL A 251 8.15 -10.31 20.16
CA VAL A 251 9.06 -10.83 19.10
C VAL A 251 8.84 -12.34 18.96
N ASN A 252 8.91 -12.82 17.73
CA ASN A 252 8.65 -14.25 17.43
C ASN A 252 9.93 -15.09 17.52
N ARG A 253 11.10 -14.47 17.69
CA ARG A 253 12.39 -15.18 17.71
C ARG A 253 13.40 -14.36 18.51
N SER A 254 14.44 -15.03 19.00
CA SER A 254 15.63 -14.41 19.62
C SER A 254 16.37 -13.53 18.58
N GLU A 255 17.07 -12.52 19.06
CA GLU A 255 17.97 -11.68 18.23
C GLU A 255 17.17 -11.14 17.03
N HIS A 256 15.94 -10.68 17.30
CA HIS A 256 15.07 -10.07 16.27
C HIS A 256 15.83 -8.91 15.63
N PRO A 257 15.98 -8.91 14.28
CA PRO A 257 16.85 -7.92 13.63
C PRO A 257 16.47 -6.46 13.87
N ALA A 258 15.22 -6.20 14.22
CA ALA A 258 14.78 -4.83 14.57
C ALA A 258 15.35 -4.43 15.95
N LEU A 259 15.30 -5.31 16.95
CA LEU A 259 15.97 -5.04 18.24
C LEU A 259 17.49 -5.07 18.06
N LYS A 260 17.99 -5.91 17.17
CA LYS A 260 19.43 -5.93 16.88
C LYS A 260 19.83 -4.57 16.28
N LYS A 261 18.97 -4.02 15.44
CA LYS A 261 19.20 -2.67 14.88
C LYS A 261 19.22 -1.64 16.01
N GLY A 262 18.31 -1.77 16.97
CA GLY A 262 18.26 -0.90 18.15
C GLY A 262 19.55 -0.94 18.93
N LEU A 263 20.14 -2.13 19.09
CA LEU A 263 21.43 -2.27 19.80
C LEU A 263 22.56 -1.65 19.00
N GLU A 264 22.56 -1.83 17.69
CA GLU A 264 23.62 -1.26 16.82
C GLU A 264 23.59 0.28 16.93
N ILE A 265 22.42 0.88 17.10
CA ILE A 265 22.31 2.35 17.31
C ILE A 265 22.93 2.68 18.70
N MSE A 266 22.69 1.85 19.71
CA MSE A 266 23.29 2.04 21.06
C MSE A 266 24.82 1.97 20.96
O MSE A 266 25.50 2.63 21.76
CB MSE A 266 22.82 0.97 22.04
CG MSE A 266 21.33 0.84 22.25
SE MSE A 266 20.67 2.22 23.41
CE MSE A 266 21.67 2.00 25.09
N HIS A 267 25.36 1.17 20.03
CA HIS A 267 26.82 0.94 19.88
C HIS A 267 27.48 2.08 19.09
N SER A 268 26.71 2.88 18.35
CA SER A 268 27.24 3.95 17.47
C SER A 268 26.89 5.37 17.96
N LYS A 269 25.79 5.53 18.68
CA LYS A 269 25.27 6.87 19.09
C LYS A 269 25.83 7.19 20.48
N PRO A 270 26.41 8.39 20.68
CA PRO A 270 27.11 8.70 21.93
C PRO A 270 26.25 8.64 23.20
N TYR A 271 24.99 9.08 23.14
CA TYR A 271 24.11 9.07 24.33
C TYR A 271 22.80 8.36 24.00
N GLY A 272 22.93 7.17 23.41
CA GLY A 272 21.81 6.30 23.00
C GLY A 272 20.88 6.00 24.15
N ASP A 273 19.59 6.21 23.93
CA ASP A 273 18.55 5.91 24.93
C ASP A 273 17.94 4.55 24.59
N PRO A 274 17.83 3.63 25.58
CA PRO A 274 17.27 2.31 25.33
C PRO A 274 15.86 2.34 24.74
N TYR A 275 15.07 3.35 25.09
CA TYR A 275 13.67 3.48 24.61
C TYR A 275 13.66 4.17 23.24
N ILE A 276 14.17 5.39 23.16
CA ILE A 276 14.11 6.21 21.93
C ILE A 276 14.91 5.53 20.81
N ASP A 277 16.09 5.00 21.13
CA ASP A 277 17.02 4.45 20.11
C ASP A 277 16.93 2.92 20.06
N GLY A 278 16.94 2.26 21.22
CA GLY A 278 16.95 0.80 21.27
C GLY A 278 15.66 0.18 20.73
N VAL A 279 14.52 0.87 20.90
CA VAL A 279 13.21 0.31 20.46
C VAL A 279 12.65 1.14 19.31
N CYS A 280 12.35 2.42 19.53
CA CYS A 280 11.73 3.30 18.52
C CYS A 280 12.71 3.44 17.32
N GLY A 281 13.96 3.80 17.59
CA GLY A 281 14.98 3.96 16.53
C GLY A 281 15.19 2.67 15.76
N GLY A 282 15.33 1.56 16.47
CA GLY A 282 15.56 0.24 15.86
C GLY A 282 14.42 -0.15 14.92
N LEU A 283 13.19 -0.05 15.41
CA LEU A 283 11.98 -0.36 14.60
C LEU A 283 11.93 0.54 13.37
N ARG A 284 12.11 1.84 13.56
CA ARG A 284 11.91 2.83 12.48
C ARG A 284 12.97 2.55 11.41
N HIS A 285 14.21 2.31 11.82
CA HIS A 285 15.30 2.08 10.84
C HIS A 285 15.03 0.78 10.11
N TYR A 286 14.64 -0.26 10.84
CA TYR A 286 14.38 -1.61 10.28
C TYR A 286 13.30 -1.60 9.20
N PHE A 287 12.17 -0.92 9.42
CA PHE A 287 11.03 -0.92 8.47
C PHE A 287 11.06 0.32 7.56
N ASN A 288 12.13 1.13 7.65
CA ASN A 288 12.30 2.36 6.85
C ASN A 288 11.13 3.30 7.13
N CYS A 289 10.76 3.52 8.38
CA CYS A 289 9.98 4.72 8.78
C CYS A 289 10.97 5.87 8.95
N SER A 290 11.48 6.37 7.82
CA SER A 290 12.41 7.54 7.76
C SER A 290 11.67 8.79 8.24
N ILE A 291 12.38 9.92 8.29
CA ILE A 291 11.76 11.20 8.74
C ILE A 291 10.74 11.65 7.67
N ARG A 292 10.91 11.25 6.41
CA ARG A 292 10.03 11.62 5.26
C ARG A 292 8.81 10.69 5.16
N HIS A 293 8.62 9.74 6.10
CA HIS A 293 7.48 8.78 6.12
C HIS A 293 6.47 9.25 7.17
N ASN A 294 5.25 8.73 7.10
CA ASN A 294 4.12 9.06 8.01
C ASN A 294 4.31 8.23 9.29
N TYR A 295 4.66 8.90 10.39
CA TYR A 295 4.77 8.30 11.74
C TYR A 295 3.44 7.64 12.16
N GLU A 296 2.32 8.28 11.85
CA GLU A 296 0.98 7.76 12.20
C GLU A 296 0.75 6.44 11.44
N GLU A 297 1.12 6.38 10.15
CA GLU A 297 0.96 5.17 9.33
C GLU A 297 1.79 4.03 9.96
N PHE A 298 3.03 4.33 10.38
CA PHE A 298 3.93 3.31 10.99
C PHE A 298 3.32 2.78 12.29
N CYS A 299 2.76 3.66 13.11
CA CYS A 299 2.10 3.28 14.39
C CYS A 299 0.98 2.26 14.13
N ASN A 300 0.11 2.55 13.17
CA ASN A 300 -1.02 1.64 12.83
C ASN A 300 -0.47 0.31 12.31
N PHE A 301 0.63 0.34 11.55
CA PHE A 301 1.25 -0.87 10.97
C PHE A 301 1.89 -1.74 12.07
N ILE A 302 2.63 -1.12 12.99
CA ILE A 302 3.46 -1.88 13.97
C ILE A 302 2.68 -2.14 15.25
N GLU A 303 1.51 -1.54 15.43
CA GLU A 303 0.81 -1.57 16.75
C GLU A 303 0.42 -2.99 17.13
N PHE A 304 0.71 -3.38 18.37
CA PHE A 304 0.21 -4.62 19.00
C PHE A 304 -1.25 -4.41 19.41
N LYS A 305 -2.16 -5.16 18.80
CA LYS A 305 -3.62 -5.08 19.07
C LYS A 305 -4.10 -6.44 19.53
N HIS A 306 -4.85 -6.50 20.63
CA HIS A 306 -5.52 -7.73 21.09
C HIS A 306 -6.68 -7.37 22.00
N GLU A 307 -7.83 -7.99 21.78
CA GLU A 307 -9.09 -7.69 22.51
C GLU A 307 -8.94 -7.96 24.02
N HIS A 308 -8.07 -8.88 24.41
CA HIS A 308 -7.93 -9.34 25.82
C HIS A 308 -6.84 -8.61 26.59
N ILE A 309 -6.15 -7.66 25.97
CA ILE A 309 -5.22 -6.73 26.68
C ILE A 309 -6.00 -5.46 27.07
N PHE A 310 -6.03 -5.16 28.35
CA PHE A 310 -6.83 -4.05 28.94
C PHE A 310 -5.87 -2.99 29.51
N MSE A 311 -6.09 -1.72 29.15
CA MSE A 311 -5.26 -0.59 29.66
C MSE A 311 -5.62 -0.33 31.12
O MSE A 311 -6.76 -0.63 31.53
CB MSE A 311 -5.45 0.68 28.82
CG MSE A 311 -5.34 0.47 27.31
SE MSE A 311 -3.49 0.13 26.75
CE MSE A 311 -3.17 -1.77 27.05
N ASP A 312 -4.65 0.17 31.88
CA ASP A 312 -4.81 0.52 33.31
C ASP A 312 -5.95 1.52 33.44
N THR A 313 -6.84 1.30 34.39
CA THR A 313 -8.00 2.17 34.70
C THR A 313 -7.70 3.06 35.92
N SER A 314 -6.85 2.63 36.85
CA SER A 314 -6.59 3.30 38.17
C SER A 314 -6.11 4.74 37.96
N SER A 315 -5.27 4.96 36.95
CA SER A 315 -4.82 6.30 36.48
C SER A 315 -5.98 7.31 36.49
N LEU A 316 -7.11 6.94 35.89
CA LEU A 316 -8.15 7.86 35.33
C LEU A 316 -8.90 8.57 36.47
N THR A 317 -9.58 9.69 36.15
CA THR A 317 -10.45 10.52 37.05
C THR A 317 -11.64 11.08 36.24
N ILE A 318 -12.25 12.21 36.63
CA ILE A 318 -13.24 12.97 35.80
C ILE A 318 -12.55 13.40 34.50
N SER B 13 -19.17 -10.86 -50.10
CA SER B 13 -19.34 -12.19 -49.46
C SER B 13 -20.28 -12.08 -48.24
N SER B 14 -20.11 -11.06 -47.39
CA SER B 14 -20.90 -10.89 -46.14
C SER B 14 -21.17 -9.40 -45.85
N GLY B 15 -21.18 -8.54 -46.87
CA GLY B 15 -21.48 -7.09 -46.73
C GLY B 15 -20.38 -6.18 -47.28
N SER B 16 -20.69 -4.92 -47.50
CA SER B 16 -19.75 -3.93 -48.04
C SER B 16 -20.17 -2.51 -47.60
N ALA B 17 -19.19 -1.66 -47.30
CA ALA B 17 -19.39 -0.24 -46.92
C ALA B 17 -18.47 0.64 -47.77
N ASN B 18 -18.94 1.83 -48.12
CA ASN B 18 -18.25 2.75 -49.05
C ASN B 18 -17.82 4.03 -48.31
N PHE B 19 -16.58 4.46 -48.49
CA PHE B 19 -16.13 5.79 -48.03
C PHE B 19 -15.05 6.32 -48.99
N ALA B 20 -15.22 7.56 -49.45
CA ALA B 20 -14.28 8.28 -50.35
C ALA B 20 -14.04 7.44 -51.60
N GLY B 21 -15.11 6.93 -52.20
CA GLY B 21 -15.10 6.09 -53.43
C GLY B 21 -14.23 4.85 -53.31
N VAL B 22 -14.15 4.26 -52.12
CA VAL B 22 -13.44 2.98 -51.88
C VAL B 22 -14.42 2.04 -51.16
N GLU B 23 -14.56 0.81 -51.65
CA GLU B 23 -15.39 -0.25 -51.04
C GLU B 23 -14.59 -0.95 -49.96
N TYR B 24 -15.20 -1.14 -48.79
CA TYR B 24 -14.58 -1.87 -47.66
C TYR B 24 -15.52 -2.99 -47.29
N PRO B 25 -15.08 -4.26 -47.43
CA PRO B 25 -15.89 -5.38 -46.96
C PRO B 25 -16.14 -5.32 -45.44
N LEU B 26 -17.39 -5.57 -45.08
CA LEU B 26 -17.79 -5.76 -43.67
C LEU B 26 -17.24 -7.10 -43.17
N LEU B 27 -16.24 -7.06 -42.30
CA LEU B 27 -15.64 -8.28 -41.74
C LEU B 27 -16.31 -8.61 -40.42
N PRO B 28 -16.60 -9.91 -40.16
CA PRO B 28 -17.29 -10.31 -38.94
C PRO B 28 -16.39 -10.33 -37.69
N LEU B 29 -16.96 -9.95 -36.55
CA LEU B 29 -16.36 -10.20 -35.23
C LEU B 29 -17.25 -11.21 -34.53
N ASP B 30 -16.79 -12.47 -34.42
CA ASP B 30 -17.66 -13.58 -33.97
C ASP B 30 -18.09 -13.31 -32.52
N GLN B 31 -19.12 -14.02 -32.08
CA GLN B 31 -19.77 -13.86 -30.76
C GLN B 31 -18.82 -14.28 -29.62
N HIS B 32 -17.60 -14.73 -29.92
CA HIS B 32 -16.62 -15.06 -28.86
C HIS B 32 -15.47 -14.03 -28.84
N THR B 33 -15.49 -13.00 -29.69
CA THR B 33 -14.57 -11.86 -29.54
C THR B 33 -14.69 -11.34 -28.11
N PRO B 34 -13.60 -11.28 -27.33
CA PRO B 34 -13.70 -10.82 -25.94
C PRO B 34 -14.12 -9.35 -25.83
N LEU B 35 -14.80 -9.01 -24.74
CA LEU B 35 -15.05 -7.62 -24.30
C LEU B 35 -13.93 -7.14 -23.39
N LEU B 36 -13.62 -5.86 -23.45
CA LEU B 36 -12.57 -5.28 -22.60
C LEU B 36 -13.11 -4.02 -21.92
N PHE B 37 -12.99 -4.02 -20.59
CA PHE B 37 -13.16 -2.82 -19.73
C PHE B 37 -11.79 -2.48 -19.15
N GLN B 38 -11.64 -1.21 -18.77
CA GLN B 38 -10.38 -0.63 -18.25
C GLN B 38 -10.67 0.10 -16.94
N TRP B 39 -9.98 -0.24 -15.88
CA TRP B 39 -10.05 0.54 -14.62
C TRP B 39 -8.64 0.80 -14.12
N PHE B 40 -8.13 2.00 -14.35
CA PHE B 40 -6.82 2.46 -13.81
C PHE B 40 -7.12 3.39 -12.64
N GLU B 41 -6.79 2.95 -11.44
CA GLU B 41 -7.14 3.64 -10.19
C GLU B 41 -5.89 4.36 -9.67
N ARG B 42 -6.00 5.67 -9.49
CA ARG B 42 -4.90 6.53 -8.99
C ARG B 42 -4.82 6.41 -7.47
N ASN B 43 -5.98 6.38 -6.80
CA ASN B 43 -6.11 6.38 -5.33
C ASN B 43 -6.92 5.15 -4.89
N PRO B 44 -6.30 3.96 -4.82
CA PRO B 44 -7.02 2.76 -4.39
C PRO B 44 -7.42 2.79 -2.90
N SER B 45 -6.73 3.60 -2.09
CA SER B 45 -7.01 3.75 -0.64
C SER B 45 -8.42 4.34 -0.43
N ARG B 46 -9.00 5.02 -1.42
CA ARG B 46 -10.39 5.53 -1.29
C ARG B 46 -11.39 4.37 -1.16
N PHE B 47 -11.00 3.15 -1.55
CA PHE B 47 -11.83 1.93 -1.39
C PHE B 47 -11.38 1.18 -0.13
N GLY B 48 -12.28 0.40 0.48
CA GLY B 48 -11.95 -0.48 1.61
C GLY B 48 -10.80 -1.41 1.28
N GLU B 49 -10.04 -1.83 2.27
CA GLU B 49 -8.87 -2.72 2.07
C GLU B 49 -9.31 -4.11 1.56
N ASN B 50 -10.60 -4.46 1.67
CA ASN B 50 -11.11 -5.78 1.25
C ASN B 50 -12.21 -5.63 0.21
N GLN B 51 -12.31 -4.45 -0.41
CA GLN B 51 -13.36 -4.18 -1.42
C GLN B 51 -12.73 -4.26 -2.81
N ILE B 52 -13.54 -4.62 -3.80
CA ILE B 52 -13.13 -4.54 -5.22
C ILE B 52 -12.85 -3.06 -5.50
N PRO B 53 -11.60 -2.71 -5.84
CA PRO B 53 -11.21 -1.33 -6.06
C PRO B 53 -11.69 -0.75 -7.41
N ILE B 54 -12.96 -0.93 -7.70
CA ILE B 54 -13.63 -0.34 -8.89
C ILE B 54 -14.80 0.50 -8.38
N ILE B 55 -14.98 1.68 -8.95
CA ILE B 55 -16.06 2.62 -8.51
C ILE B 55 -17.41 1.93 -8.72
N ASN B 56 -18.30 2.05 -7.75
CA ASN B 56 -19.63 1.39 -7.86
C ASN B 56 -20.67 2.18 -7.05
N THR B 57 -20.81 3.46 -7.35
CA THR B 57 -21.85 4.32 -6.73
C THR B 57 -23.08 4.32 -7.63
N GLN B 58 -24.16 4.96 -7.20
CA GLN B 58 -25.39 5.07 -8.04
C GLN B 58 -25.13 6.08 -9.17
N GLN B 59 -24.20 7.01 -8.96
CA GLN B 59 -23.82 7.98 -10.00
C GLN B 59 -22.91 7.28 -11.02
N ASN B 60 -22.02 6.39 -10.55
CA ASN B 60 -21.05 5.67 -11.42
C ASN B 60 -21.06 4.19 -11.03
N PRO B 61 -22.08 3.43 -11.45
CA PRO B 61 -22.17 2.00 -11.13
C PRO B 61 -21.33 1.13 -12.09
N TYR B 62 -20.02 1.38 -12.12
CA TYR B 62 -19.12 0.81 -13.15
C TYR B 62 -18.97 -0.70 -12.89
N LEU B 63 -18.77 -1.10 -11.63
CA LEU B 63 -18.63 -2.54 -11.32
C LEU B 63 -19.93 -3.26 -11.68
N ASN B 64 -21.08 -2.69 -11.38
CA ASN B 64 -22.40 -3.27 -11.74
C ASN B 64 -22.52 -3.36 -13.26
N ASN B 65 -22.08 -2.34 -14.00
CA ASN B 65 -22.16 -2.34 -15.48
C ASN B 65 -21.29 -3.48 -16.04
N ILE B 66 -20.14 -3.73 -15.43
CA ILE B 66 -19.20 -4.79 -15.89
C ILE B 66 -19.85 -6.15 -15.63
N ILE B 67 -20.43 -6.30 -14.44
CA ILE B 67 -21.09 -7.57 -14.06
C ILE B 67 -22.27 -7.82 -14.99
N ASN B 68 -23.10 -6.79 -15.22
CA ASN B 68 -24.31 -6.94 -16.03
C ASN B 68 -23.90 -7.40 -17.44
N ALA B 69 -22.76 -6.90 -17.96
CA ALA B 69 -22.28 -7.30 -19.30
C ALA B 69 -21.84 -8.77 -19.25
N ALA B 70 -21.21 -9.19 -18.16
CA ALA B 70 -20.74 -10.58 -18.01
C ALA B 70 -21.93 -11.53 -17.85
N ILE B 71 -23.00 -11.09 -17.19
CA ILE B 71 -24.25 -11.88 -17.01
C ILE B 71 -24.91 -12.06 -18.38
N ILE B 72 -25.00 -11.01 -19.19
CA ILE B 72 -25.68 -11.07 -20.51
C ILE B 72 -24.86 -11.97 -21.45
N GLU B 73 -23.56 -11.74 -21.52
CA GLU B 73 -22.66 -12.40 -22.48
C GLU B 73 -21.97 -13.57 -21.75
N LYS B 74 -22.71 -14.66 -21.53
CA LYS B 74 -22.26 -15.82 -20.71
C LYS B 74 -21.07 -16.50 -21.40
N GLU B 75 -21.14 -16.73 -22.72
CA GLU B 75 -20.12 -17.53 -23.46
C GLU B 75 -18.84 -16.72 -23.68
N ARG B 76 -18.94 -15.39 -23.64
CA ARG B 76 -17.86 -14.47 -24.11
C ARG B 76 -16.89 -14.18 -22.95
N THR B 77 -15.60 -14.17 -23.25
CA THR B 77 -14.58 -13.72 -22.29
C THR B 77 -14.74 -12.21 -22.03
N ILE B 78 -14.81 -11.84 -20.77
CA ILE B 78 -14.92 -10.41 -20.35
C ILE B 78 -13.63 -10.00 -19.66
N GLY B 79 -12.84 -9.16 -20.31
CA GLY B 79 -11.57 -8.65 -19.79
C GLY B 79 -11.76 -7.38 -18.98
N VAL B 80 -11.07 -7.29 -17.85
CA VAL B 80 -10.95 -6.05 -17.06
C VAL B 80 -9.47 -5.74 -16.89
N LEU B 81 -8.96 -4.80 -17.68
CA LEU B 81 -7.54 -4.35 -17.59
C LEU B 81 -7.44 -3.34 -16.44
N VAL B 82 -6.75 -3.71 -15.37
CA VAL B 82 -6.61 -2.87 -14.16
C VAL B 82 -5.15 -2.42 -14.00
N ASP B 83 -4.96 -1.32 -13.27
CA ASP B 83 -3.64 -0.82 -12.86
C ASP B 83 -3.79 0.04 -11.62
N GLY B 84 -2.74 0.14 -10.82
CA GLY B 84 -2.73 0.95 -9.58
C GLY B 84 -2.12 0.20 -8.42
N ASN B 85 -1.89 0.88 -7.31
CA ASN B 85 -1.21 0.33 -6.11
C ASN B 85 -2.27 -0.31 -5.21
N PHE B 86 -2.83 -1.44 -5.62
CA PHE B 86 -3.90 -2.12 -4.86
C PHE B 86 -3.29 -2.84 -3.66
N SER B 87 -3.99 -2.81 -2.52
CA SER B 87 -3.65 -3.57 -1.30
C SER B 87 -3.84 -5.06 -1.57
N ALA B 88 -3.23 -5.90 -0.74
CA ALA B 88 -3.31 -7.37 -0.82
C ALA B 88 -4.77 -7.83 -0.77
N GLY B 89 -5.59 -7.18 0.06
CA GLY B 89 -7.01 -7.53 0.23
C GLY B 89 -7.83 -7.12 -0.98
N GLN B 90 -7.45 -6.03 -1.63
CA GLN B 90 -8.18 -5.55 -2.83
C GLN B 90 -7.86 -6.48 -4.01
N LYS B 91 -6.65 -7.03 -4.08
CA LYS B 91 -6.29 -8.01 -5.14
C LYS B 91 -7.04 -9.32 -4.91
N LYS B 92 -7.26 -9.72 -3.66
CA LYS B 92 -8.01 -10.97 -3.34
C LYS B 92 -9.48 -10.75 -3.72
N ALA B 93 -10.01 -9.55 -3.51
CA ALA B 93 -11.40 -9.22 -3.88
C ALA B 93 -11.53 -9.27 -5.41
N LEU B 94 -10.51 -8.84 -6.13
CA LEU B 94 -10.49 -8.94 -7.62
C LEU B 94 -10.36 -10.41 -8.00
N ALA B 95 -9.55 -11.17 -7.27
CA ALA B 95 -9.38 -12.61 -7.52
C ALA B 95 -10.70 -13.34 -7.26
N LYS B 96 -11.47 -12.89 -6.27
CA LYS B 96 -12.79 -13.47 -5.92
C LYS B 96 -13.82 -13.12 -7.00
N LEU B 97 -13.73 -11.93 -7.58
CA LEU B 97 -14.64 -11.54 -8.68
C LEU B 97 -14.48 -12.51 -9.86
N GLU B 98 -13.25 -12.90 -10.18
CA GLU B 98 -12.94 -13.83 -11.32
C GLU B 98 -13.53 -15.21 -10.98
N LYS B 99 -13.82 -15.47 -9.69
CA LYS B 99 -14.36 -16.78 -9.24
C LYS B 99 -15.88 -16.74 -9.30
N GLN B 100 -16.53 -15.64 -8.91
CA GLN B 100 -18.01 -15.54 -8.93
C GLN B 100 -18.52 -15.49 -10.38
N TYR B 101 -17.71 -15.03 -11.34
CA TYR B 101 -18.07 -14.85 -12.77
C TYR B 101 -16.98 -15.48 -13.64
N GLU B 102 -17.19 -16.72 -14.09
CA GLU B 102 -16.15 -17.53 -14.78
C GLU B 102 -15.58 -16.73 -15.96
N ASN B 103 -16.43 -15.98 -16.68
CA ASN B 103 -16.01 -15.35 -17.96
C ASN B 103 -15.30 -14.00 -17.69
N ILE B 104 -15.28 -13.51 -16.45
CA ILE B 104 -14.51 -12.29 -16.10
C ILE B 104 -13.05 -12.65 -15.84
N LYS B 105 -12.15 -12.00 -16.58
CA LYS B 105 -10.69 -12.16 -16.40
C LYS B 105 -10.11 -10.80 -16.02
N VAL B 106 -9.53 -10.71 -14.83
CA VAL B 106 -8.83 -9.49 -14.38
C VAL B 106 -7.38 -9.55 -14.85
N ILE B 107 -6.97 -8.62 -15.68
CA ILE B 107 -5.58 -8.51 -16.19
C ILE B 107 -4.95 -7.25 -15.58
N TYR B 108 -3.84 -7.42 -14.88
CA TYR B 108 -2.99 -6.31 -14.38
C TYR B 108 -2.13 -5.81 -15.54
N ASN B 109 -2.21 -4.52 -15.84
CA ASN B 109 -1.44 -3.87 -16.93
C ASN B 109 0.05 -4.13 -16.75
N SER B 110 0.55 -4.17 -15.52
CA SER B 110 1.99 -4.40 -15.23
C SER B 110 2.42 -5.82 -15.64
N ASP B 111 1.50 -6.77 -15.81
CA ASP B 111 1.87 -8.15 -16.21
C ASP B 111 2.01 -8.26 -17.73
N LEU B 112 1.74 -7.22 -18.50
CA LEU B 112 1.90 -7.30 -19.99
C LEU B 112 3.20 -6.60 -20.42
N ASP B 113 3.81 -7.11 -21.49
CA ASP B 113 5.06 -6.54 -22.05
C ASP B 113 4.71 -5.71 -23.28
N TYR B 114 4.85 -4.39 -23.17
CA TYR B 114 4.55 -3.45 -24.28
C TYR B 114 5.82 -2.96 -24.98
N SER B 115 6.98 -3.56 -24.71
CA SER B 115 8.29 -3.04 -25.19
C SER B 115 8.39 -3.08 -26.72
N MSE B 116 7.65 -3.96 -27.39
CA MSE B 116 7.67 -4.08 -28.88
C MSE B 116 6.96 -2.90 -29.54
O MSE B 116 7.12 -2.72 -30.76
CB MSE B 116 7.04 -5.40 -29.35
CG MSE B 116 5.52 -5.53 -29.18
SE MSE B 116 5.01 -5.83 -27.28
CE MSE B 116 6.16 -7.40 -26.82
N TYR B 117 6.17 -2.13 -28.79
CA TYR B 117 5.46 -0.94 -29.30
C TYR B 117 6.19 0.35 -28.88
N ASP B 118 7.31 0.24 -28.17
CA ASP B 118 7.96 1.40 -27.52
C ASP B 118 8.95 2.04 -28.50
N LYS B 119 9.34 3.28 -28.19
CA LYS B 119 10.36 4.02 -28.98
C LYS B 119 10.99 5.07 -28.08
N LYS B 120 12.29 5.32 -28.25
CA LYS B 120 13.01 6.32 -27.42
C LYS B 120 12.62 7.74 -27.84
N LEU B 121 12.34 8.59 -26.87
CA LEU B 121 11.98 10.01 -27.14
C LEU B 121 13.13 10.72 -27.88
N SER B 122 14.38 10.44 -27.52
CA SER B 122 15.55 11.08 -28.19
C SER B 122 15.53 10.74 -29.69
N ASP B 123 15.10 9.54 -30.06
CA ASP B 123 15.04 9.12 -31.48
C ASP B 123 13.94 9.92 -32.18
N ILE B 124 12.78 10.11 -31.55
CA ILE B 124 11.63 10.83 -32.18
C ILE B 124 12.05 12.29 -32.41
N TYR B 125 12.64 12.91 -31.40
CA TYR B 125 13.03 14.34 -31.47
C TYR B 125 14.10 14.55 -32.53
N LEU B 126 15.13 13.71 -32.57
CA LEU B 126 16.22 13.86 -33.56
C LEU B 126 15.65 13.71 -34.98
N GLU B 127 14.75 12.75 -35.19
CA GLU B 127 14.14 12.53 -36.52
C GLU B 127 13.43 13.82 -36.94
N ASN B 128 12.70 14.44 -36.03
CA ASN B 128 11.85 15.61 -36.37
C ASN B 128 12.70 16.85 -36.56
N ILE B 129 13.78 16.99 -35.78
CA ILE B 129 14.73 18.11 -35.94
C ILE B 129 15.33 18.01 -37.35
N ALA B 130 15.71 16.81 -37.78
CA ALA B 130 16.27 16.60 -39.14
C ALA B 130 15.19 16.85 -40.19
N LYS B 131 13.95 16.39 -39.97
CA LYS B 131 12.85 16.54 -40.95
C LYS B 131 12.55 18.03 -41.15
N ILE B 132 12.40 18.78 -40.07
CA ILE B 132 12.00 20.22 -40.13
C ILE B 132 13.14 21.03 -40.75
N GLU B 133 14.39 20.69 -40.44
CA GLU B 133 15.58 21.43 -40.94
C GLU B 133 15.78 21.19 -42.44
N ALA B 134 15.29 20.10 -43.01
CA ALA B 134 15.37 19.78 -44.46
C ALA B 134 14.42 20.71 -45.22
N GLN B 135 13.28 21.05 -44.62
CA GLN B 135 12.25 21.94 -45.24
C GLN B 135 12.89 23.29 -45.54
N PRO B 136 12.43 24.02 -46.59
CA PRO B 136 12.84 25.40 -46.79
C PRO B 136 12.36 26.34 -45.66
N ALA B 137 13.02 27.50 -45.48
CA ALA B 137 12.76 28.47 -44.38
C ALA B 137 11.34 29.07 -44.44
N ASN B 138 10.72 29.12 -45.63
CA ASN B 138 9.41 29.78 -45.84
C ASN B 138 8.26 28.85 -45.41
N VAL B 139 8.52 27.56 -45.12
CA VAL B 139 7.47 26.59 -44.70
C VAL B 139 7.75 25.99 -43.31
N ARG B 140 8.94 26.22 -42.75
CA ARG B 140 9.38 25.60 -41.46
C ARG B 140 8.56 26.08 -40.26
N ASP B 141 8.04 25.16 -39.46
CA ASP B 141 7.44 25.47 -38.14
C ASP B 141 8.58 25.78 -37.16
N GLU B 142 9.03 27.03 -37.17
CA GLU B 142 10.18 27.51 -36.35
C GLU B 142 9.84 27.40 -34.87
N TYR B 143 8.60 27.63 -34.47
CA TYR B 143 8.23 27.50 -33.04
C TYR B 143 8.36 26.02 -32.62
N LEU B 144 7.87 25.10 -33.46
CA LEU B 144 7.86 23.66 -33.12
C LEU B 144 9.31 23.16 -33.03
N LEU B 145 10.16 23.59 -33.96
CA LEU B 145 11.58 23.16 -33.99
C LEU B 145 12.24 23.53 -32.65
N GLY B 146 12.06 24.76 -32.18
CA GLY B 146 12.61 25.23 -30.91
C GLY B 146 12.11 24.40 -29.73
N GLU B 147 10.82 24.08 -29.75
CA GLU B 147 10.16 23.29 -28.69
C GLU B 147 10.73 21.86 -28.66
N ILE B 148 10.92 21.25 -29.82
CA ILE B 148 11.45 19.87 -29.90
C ILE B 148 12.87 19.87 -29.36
N LYS B 149 13.70 20.81 -29.83
CA LYS B 149 15.10 20.95 -29.38
C LYS B 149 15.10 21.15 -27.86
N LYS B 150 14.13 21.89 -27.36
CA LYS B 150 14.00 22.10 -25.91
C LYS B 150 13.66 20.77 -25.23
N SER B 151 12.69 20.02 -25.78
CA SER B 151 12.27 18.71 -25.21
C SER B 151 13.46 17.74 -25.23
N LEU B 152 14.21 17.70 -26.32
CA LEU B 152 15.38 16.80 -26.44
C LEU B 152 16.42 17.17 -25.38
N ASN B 153 16.68 18.46 -25.20
CA ASN B 153 17.71 18.91 -24.24
C ASN B 153 17.30 18.46 -22.82
N GLU B 154 16.03 18.52 -22.48
CA GLU B 154 15.60 18.11 -21.11
C GLU B 154 15.69 16.59 -20.97
N VAL B 155 15.52 15.85 -22.07
CA VAL B 155 15.66 14.36 -22.03
C VAL B 155 17.12 14.04 -21.77
N LEU B 156 18.03 14.67 -22.53
CA LEU B 156 19.48 14.40 -22.40
C LEU B 156 19.99 14.84 -21.02
N LYS B 157 19.31 15.76 -20.36
CA LYS B 157 19.75 16.25 -19.04
C LYS B 157 19.11 15.46 -17.89
N ASN B 158 17.98 14.80 -18.10
CA ASN B 158 17.18 14.26 -16.97
C ASN B 158 16.93 12.76 -17.08
N ASN B 159 16.73 12.25 -18.31
CA ASN B 159 16.38 10.82 -18.54
C ASN B 159 16.62 10.50 -20.01
N PRO B 160 17.89 10.29 -20.43
CA PRO B 160 18.20 10.08 -21.83
C PRO B 160 17.56 8.83 -22.46
N GLU B 161 17.15 7.88 -21.61
CA GLU B 161 16.51 6.62 -22.04
C GLU B 161 14.99 6.74 -21.99
N GLU B 162 14.44 7.93 -21.74
CA GLU B 162 12.97 8.13 -21.72
C GLU B 162 12.37 7.66 -23.05
N SER B 163 11.30 6.89 -22.95
CA SER B 163 10.58 6.35 -24.11
C SER B 163 9.10 6.72 -24.03
N LEU B 164 8.37 6.44 -25.09
CA LEU B 164 6.90 6.64 -25.13
C LEU B 164 6.25 5.95 -23.91
N VAL B 165 6.67 4.74 -23.60
CA VAL B 165 6.04 3.96 -22.49
C VAL B 165 6.42 4.61 -21.15
N SER B 166 7.70 4.87 -20.91
CA SER B 166 8.17 5.43 -19.60
C SER B 166 7.60 6.83 -19.42
N SER B 167 7.59 7.66 -20.46
CA SER B 167 7.01 9.02 -20.39
C SER B 167 5.51 8.94 -20.12
N HIS B 168 4.78 8.07 -20.83
CA HIS B 168 3.31 7.93 -20.63
C HIS B 168 3.04 7.28 -19.27
N ASP B 169 3.98 6.50 -18.76
CA ASP B 169 3.85 5.85 -17.43
C ASP B 169 3.81 6.91 -16.32
N LYS B 170 4.39 8.09 -16.55
CA LYS B 170 4.47 9.17 -15.55
C LYS B 170 3.26 10.11 -15.62
N ARG B 171 2.57 10.19 -16.76
CA ARG B 171 1.45 11.14 -16.97
C ARG B 171 0.31 10.75 -16.04
N LEU B 172 -0.63 11.67 -15.84
CA LEU B 172 -1.82 11.45 -14.97
C LEU B 172 -3.07 11.57 -15.84
N GLY B 173 -4.14 10.90 -15.43
CA GLY B 173 -5.46 10.96 -16.09
C GLY B 173 -5.53 10.16 -17.38
N HIS B 174 -6.39 10.64 -18.28
CA HIS B 174 -6.91 9.85 -19.42
C HIS B 174 -5.78 9.55 -20.41
N VAL B 175 -4.78 10.42 -20.54
CA VAL B 175 -3.74 10.25 -21.58
C VAL B 175 -2.99 8.93 -21.34
N ARG B 176 -2.80 8.51 -20.08
CA ARG B 176 -2.11 7.23 -19.81
C ARG B 176 -3.08 6.05 -20.00
N PHE B 177 -4.35 6.20 -19.64
CA PHE B 177 -5.38 5.18 -19.91
C PHE B 177 -5.45 4.94 -21.42
N ASP B 178 -5.62 6.02 -22.20
CA ASP B 178 -5.77 5.96 -23.67
C ASP B 178 -4.55 5.28 -24.29
N PHE B 179 -3.36 5.54 -23.76
CA PHE B 179 -2.10 5.01 -24.33
C PHE B 179 -2.10 3.48 -24.24
N TYR B 180 -2.38 2.94 -23.06
CA TYR B 180 -2.37 1.49 -22.84
C TYR B 180 -3.59 0.83 -23.48
N ARG B 181 -4.69 1.54 -23.61
CA ARG B 181 -5.90 1.01 -24.28
C ARG B 181 -5.54 0.64 -25.73
N ASN B 182 -4.86 1.55 -26.43
CA ASN B 182 -4.46 1.31 -27.84
C ASN B 182 -3.54 0.09 -27.92
N LEU B 183 -2.60 -0.02 -26.97
CA LEU B 183 -1.56 -1.07 -27.05
C LEU B 183 -2.21 -2.42 -26.74
N PHE B 184 -3.09 -2.48 -25.75
CA PHE B 184 -3.83 -3.73 -25.45
C PHE B 184 -4.60 -4.18 -26.71
N LEU B 185 -5.28 -3.27 -27.39
CA LEU B 185 -6.10 -3.62 -28.57
C LEU B 185 -5.21 -4.07 -29.74
N LEU B 186 -3.98 -3.61 -29.80
CA LEU B 186 -3.02 -4.12 -30.81
C LEU B 186 -2.65 -5.57 -30.48
N LYS B 187 -2.55 -5.92 -29.20
CA LYS B 187 -2.33 -7.33 -28.78
C LYS B 187 -3.60 -8.13 -29.12
N GLY B 188 -4.77 -7.50 -29.01
CA GLY B 188 -6.06 -8.18 -29.14
C GLY B 188 -6.21 -9.35 -28.18
N SER B 189 -6.78 -10.45 -28.66
CA SER B 189 -7.05 -11.69 -27.88
C SER B 189 -5.76 -12.26 -27.26
N ASN B 190 -4.62 -12.09 -27.92
CA ASN B 190 -3.28 -12.55 -27.46
C ASN B 190 -3.01 -12.04 -26.04
N ALA B 191 -3.52 -10.87 -25.68
CA ALA B 191 -3.24 -10.25 -24.36
C ALA B 191 -3.74 -11.15 -23.23
N PHE B 192 -4.88 -11.81 -23.42
CA PHE B 192 -5.45 -12.73 -22.41
C PHE B 192 -4.52 -13.95 -22.30
N LEU B 193 -3.98 -14.40 -23.42
CA LEU B 193 -3.07 -15.59 -23.44
C LEU B 193 -1.75 -15.18 -22.81
N GLU B 194 -1.24 -14.00 -23.14
CA GLU B 194 0.03 -13.49 -22.57
C GLU B 194 -0.11 -13.39 -21.05
N ALA B 195 -1.23 -12.89 -20.56
CA ALA B 195 -1.49 -12.68 -19.12
C ALA B 195 -1.71 -14.02 -18.40
N GLY B 196 -1.82 -15.13 -19.14
CA GLY B 196 -2.04 -16.45 -18.52
C GLY B 196 -3.41 -16.59 -17.87
N LYS B 197 -4.44 -16.12 -18.56
CA LYS B 197 -5.85 -16.37 -18.23
C LYS B 197 -6.29 -17.74 -18.77
N HIS B 198 -6.69 -18.62 -17.85
CA HIS B 198 -7.11 -20.01 -18.16
C HIS B 198 -8.60 -20.07 -18.48
N GLY B 199 -8.99 -21.04 -19.28
CA GLY B 199 -10.40 -21.30 -19.63
C GLY B 199 -11.02 -20.22 -20.50
N CYS B 200 -10.24 -19.52 -21.33
CA CYS B 200 -10.80 -18.54 -22.30
C CYS B 200 -11.33 -19.29 -23.52
N HIS B 201 -12.66 -19.42 -23.54
CA HIS B 201 -13.44 -20.21 -24.54
C HIS B 201 -13.36 -19.58 -25.93
N HIS B 202 -12.86 -20.35 -26.89
CA HIS B 202 -12.84 -20.01 -28.33
C HIS B 202 -11.89 -18.83 -28.55
N LEU B 203 -11.09 -18.46 -27.55
CA LEU B 203 -10.21 -17.28 -27.67
C LEU B 203 -8.98 -17.67 -28.50
N GLN B 204 -8.82 -17.05 -29.66
CA GLN B 204 -7.76 -17.49 -30.60
C GLN B 204 -6.64 -16.45 -30.63
N PRO B 205 -5.37 -16.91 -30.75
CA PRO B 205 -4.28 -16.00 -31.06
C PRO B 205 -4.52 -15.32 -32.41
N GLY B 206 -4.15 -14.05 -32.49
CA GLY B 206 -4.48 -13.19 -33.64
C GLY B 206 -5.89 -12.64 -33.57
N GLY B 207 -6.69 -13.08 -32.59
CA GLY B 207 -8.10 -12.64 -32.47
C GLY B 207 -8.22 -11.17 -32.08
N GLY B 208 -9.40 -10.62 -32.33
CA GLY B 208 -9.74 -9.23 -32.01
C GLY B 208 -10.20 -9.04 -30.57
N CYS B 209 -10.87 -7.93 -30.33
CA CYS B 209 -11.27 -7.46 -28.98
C CYS B 209 -12.26 -6.30 -29.17
N ILE B 210 -13.15 -6.11 -28.21
CA ILE B 210 -14.11 -4.97 -28.22
C ILE B 210 -13.96 -4.20 -26.92
N TYR B 211 -13.37 -3.01 -26.98
CA TYR B 211 -13.29 -2.12 -25.79
C TYR B 211 -14.62 -1.40 -25.60
N LEU B 212 -15.10 -1.35 -24.37
CA LEU B 212 -16.30 -0.57 -23.96
C LEU B 212 -15.98 0.29 -22.73
N ASP B 213 -16.37 1.55 -22.74
CA ASP B 213 -16.30 2.39 -21.52
C ASP B 213 -17.24 1.78 -20.47
N ALA B 214 -16.85 1.85 -19.21
CA ALA B 214 -17.55 1.19 -18.10
C ALA B 214 -18.84 1.93 -17.77
N ASP B 215 -19.00 3.18 -18.20
CA ASP B 215 -20.25 3.94 -17.92
C ASP B 215 -21.35 3.54 -18.90
N MSE B 216 -21.06 2.64 -19.85
CA MSE B 216 -22.07 2.17 -20.84
C MSE B 216 -22.64 0.83 -20.40
O MSE B 216 -21.87 -0.03 -19.88
CB MSE B 216 -21.45 2.06 -22.22
CG MSE B 216 -21.13 3.40 -22.80
SE MSE B 216 -20.18 3.13 -24.46
CE MSE B 216 -19.83 4.99 -24.99
N LEU B 217 -23.94 0.67 -20.59
CA LEU B 217 -24.68 -0.52 -20.14
C LEU B 217 -24.97 -1.37 -21.36
N LEU B 218 -24.47 -2.60 -21.34
CA LEU B 218 -24.90 -3.65 -22.32
C LEU B 218 -26.21 -4.24 -21.81
N THR B 219 -27.28 -4.19 -22.61
CA THR B 219 -28.63 -4.66 -22.21
C THR B 219 -29.05 -5.91 -23.00
N GLY B 220 -28.22 -6.36 -23.94
CA GLY B 220 -28.48 -7.60 -24.70
C GLY B 220 -27.22 -8.09 -25.36
N LYS B 221 -27.23 -9.32 -25.88
CA LYS B 221 -26.02 -9.92 -26.51
C LYS B 221 -25.72 -9.13 -27.78
N LEU B 222 -24.43 -8.93 -28.05
CA LEU B 222 -23.97 -8.20 -29.25
C LEU B 222 -24.07 -9.09 -30.49
N GLY B 223 -23.96 -10.40 -30.31
CA GLY B 223 -23.91 -11.37 -31.41
C GLY B 223 -22.67 -11.14 -32.25
N THR B 224 -22.82 -11.26 -33.56
CA THR B 224 -21.71 -11.09 -34.52
C THR B 224 -21.81 -9.68 -35.08
N LEU B 225 -20.76 -8.90 -34.99
CA LEU B 225 -20.72 -7.54 -35.59
C LEU B 225 -20.10 -7.64 -36.99
N TYR B 226 -20.48 -6.76 -37.88
CA TYR B 226 -19.92 -6.68 -39.25
C TYR B 226 -19.44 -5.24 -39.48
N LEU B 227 -18.13 -5.04 -39.48
CA LEU B 227 -17.49 -3.70 -39.45
C LEU B 227 -16.57 -3.53 -40.63
N PRO B 228 -16.44 -2.30 -41.17
CA PRO B 228 -15.62 -2.09 -42.36
C PRO B 228 -14.14 -2.39 -42.05
N ASP B 229 -13.59 -3.36 -42.78
CA ASP B 229 -12.25 -3.94 -42.56
C ASP B 229 -12.08 -4.29 -41.07
N GLY B 230 -13.15 -4.70 -40.42
CA GLY B 230 -13.13 -5.26 -39.06
C GLY B 230 -12.79 -4.22 -38.01
N ILE B 231 -13.11 -2.94 -38.24
CA ILE B 231 -12.91 -1.90 -37.19
C ILE B 231 -14.08 -0.93 -37.15
N ALA B 232 -14.42 -0.48 -35.96
CA ALA B 232 -15.42 0.60 -35.75
C ALA B 232 -15.11 1.26 -34.41
N VAL B 233 -15.48 2.52 -34.26
CA VAL B 233 -15.28 3.28 -33.00
C VAL B 233 -16.56 4.01 -32.64
N HIS B 234 -16.66 4.41 -31.39
CA HIS B 234 -17.76 5.26 -30.89
C HIS B 234 -17.71 6.61 -31.61
N VAL B 235 -18.89 7.11 -31.94
CA VAL B 235 -19.06 8.49 -32.47
C VAL B 235 -20.03 9.18 -31.51
N SER B 236 -19.53 10.12 -30.73
CA SER B 236 -20.36 10.84 -29.75
C SER B 236 -21.07 11.98 -30.48
N ARG B 237 -22.28 12.25 -30.03
CA ARG B 237 -23.09 13.40 -30.48
C ARG B 237 -23.36 14.26 -29.24
N LYS B 238 -22.92 15.51 -29.30
CA LYS B 238 -23.15 16.51 -28.24
C LYS B 238 -23.71 17.76 -28.92
N GLY B 239 -24.88 18.24 -28.47
CA GLY B 239 -25.61 19.32 -29.16
C GLY B 239 -25.82 18.94 -30.63
N ASN B 240 -25.25 19.68 -31.57
CA ASN B 240 -25.40 19.38 -33.02
C ASN B 240 -24.08 18.88 -33.60
N SER B 241 -23.15 18.48 -32.74
CA SER B 241 -21.79 18.09 -33.14
C SER B 241 -21.63 16.59 -33.02
N MSE B 242 -20.75 16.05 -33.86
CA MSE B 242 -20.32 14.64 -33.73
C MSE B 242 -18.80 14.60 -33.74
O MSE B 242 -18.16 15.53 -34.26
CB MSE B 242 -21.00 13.81 -34.81
CG MSE B 242 -20.39 13.90 -36.16
SE MSE B 242 -21.68 13.11 -37.43
CE MSE B 242 -22.24 11.44 -36.66
N SER B 243 -18.24 13.57 -33.14
CA SER B 243 -16.79 13.44 -32.94
C SER B 243 -16.40 11.98 -32.83
N LEU B 244 -15.34 11.56 -33.52
CA LEU B 244 -14.71 10.24 -33.28
C LEU B 244 -14.32 10.15 -31.80
N GLU B 245 -14.61 9.04 -31.15
CA GLU B 245 -14.31 8.82 -29.72
C GLU B 245 -13.64 7.45 -29.51
N ASN B 246 -12.96 7.26 -28.39
CA ASN B 246 -12.33 5.97 -28.04
C ASN B 246 -13.12 5.30 -26.91
N GLY B 247 -14.34 5.75 -26.63
CA GLY B 247 -15.24 5.11 -25.63
C GLY B 247 -15.67 3.70 -26.05
N ILE B 248 -15.72 3.45 -27.35
CA ILE B 248 -15.88 2.09 -27.91
C ILE B 248 -14.84 1.93 -29.02
N ILE B 249 -14.09 0.83 -29.00
CA ILE B 249 -13.16 0.42 -30.09
C ILE B 249 -13.35 -1.08 -30.31
N ALA B 250 -13.74 -1.45 -31.52
CA ALA B 250 -13.94 -2.87 -31.90
C ALA B 250 -12.97 -3.20 -33.02
N VAL B 251 -12.12 -4.21 -32.81
CA VAL B 251 -11.22 -4.71 -33.88
C VAL B 251 -11.44 -6.22 -34.01
N ASN B 252 -11.38 -6.72 -35.23
CA ASN B 252 -11.64 -8.15 -35.50
C ASN B 252 -10.36 -8.99 -35.44
N ARG B 253 -9.19 -8.37 -35.29
CA ARG B 253 -7.90 -9.08 -35.29
C ARG B 253 -6.87 -8.26 -34.52
N SER B 254 -5.82 -8.93 -34.06
CA SER B 254 -4.63 -8.30 -33.44
C SER B 254 -3.92 -7.43 -34.49
N GLU B 255 -3.21 -6.40 -34.02
CA GLU B 255 -2.32 -5.57 -34.87
C GLU B 255 -3.14 -5.02 -36.04
N HIS B 256 -4.37 -4.59 -35.77
CA HIS B 256 -5.25 -4.00 -36.82
C HIS B 256 -4.52 -2.85 -37.48
N PRO B 257 -4.38 -2.85 -38.82
CA PRO B 257 -3.52 -1.88 -39.50
C PRO B 257 -3.89 -0.41 -39.26
N ALA B 258 -5.15 -0.15 -38.91
CA ALA B 258 -5.58 1.23 -38.57
C ALA B 258 -4.99 1.64 -37.20
N LEU B 259 -5.03 0.76 -36.19
CA LEU B 259 -4.36 1.06 -34.89
C LEU B 259 -2.84 1.02 -35.10
N LYS B 260 -2.35 0.18 -35.99
CA LYS B 260 -0.91 0.15 -36.29
C LYS B 260 -0.51 1.49 -36.91
N LYS B 261 -1.38 2.04 -37.74
CA LYS B 261 -1.14 3.37 -38.32
C LYS B 261 -1.11 4.41 -37.18
N GLY B 262 -2.02 4.30 -36.23
CA GLY B 262 -2.06 5.19 -35.06
C GLY B 262 -0.76 5.15 -34.28
N LEU B 263 -0.18 3.96 -34.11
CA LEU B 263 1.12 3.82 -33.42
C LEU B 263 2.25 4.44 -34.24
N GLU B 264 2.24 4.25 -35.56
CA GLU B 264 3.29 4.81 -36.43
C GLU B 264 3.27 6.35 -36.32
N ILE B 265 2.09 6.95 -36.16
CA ILE B 265 1.99 8.42 -35.96
C ILE B 265 2.61 8.76 -34.60
N MSE B 266 2.38 7.97 -33.58
CA MSE B 266 2.99 8.16 -32.23
C MSE B 266 4.52 8.07 -32.34
O MSE B 266 5.22 8.74 -31.57
CB MSE B 266 2.53 7.10 -31.23
CG MSE B 266 1.04 6.98 -31.00
SE MSE B 266 0.42 8.38 -29.84
CE MSE B 266 1.47 8.18 -28.18
N HIS B 267 5.05 7.26 -33.26
CA HIS B 267 6.51 7.02 -33.42
C HIS B 267 7.17 8.15 -34.24
N SER B 268 6.39 8.94 -34.97
CA SER B 268 6.92 10.00 -35.87
C SER B 268 6.57 11.42 -35.39
N LYS B 269 5.48 11.60 -34.64
CA LYS B 269 4.98 12.94 -34.25
C LYS B 269 5.56 13.27 -32.88
N PRO B 270 6.15 14.47 -32.71
CA PRO B 270 6.86 14.80 -31.48
C PRO B 270 6.04 14.77 -30.19
N TYR B 271 4.79 15.20 -30.22
CA TYR B 271 3.93 15.22 -29.00
C TYR B 271 2.61 14.50 -29.30
N GLY B 272 2.72 13.29 -29.84
CA GLY B 272 1.58 12.45 -30.25
C GLY B 272 0.64 12.17 -29.10
N ASP B 273 -0.65 12.37 -29.33
CA ASP B 273 -1.69 12.08 -28.32
C ASP B 273 -2.31 10.71 -28.65
N PRO B 274 -2.42 9.81 -27.65
CA PRO B 274 -2.97 8.48 -27.89
C PRO B 274 -4.38 8.50 -28.47
N TYR B 275 -5.16 9.52 -28.13
CA TYR B 275 -6.56 9.64 -28.60
C TYR B 275 -6.59 10.31 -29.97
N ILE B 276 -6.07 11.53 -30.07
CA ILE B 276 -6.14 12.35 -31.31
C ILE B 276 -5.35 11.66 -32.43
N ASP B 277 -4.17 11.12 -32.11
CA ASP B 277 -3.25 10.56 -33.12
C ASP B 277 -3.35 9.04 -33.16
N GLY B 278 -3.33 8.39 -32.00
CA GLY B 278 -3.32 6.92 -31.93
C GLY B 278 -4.61 6.31 -32.46
N VAL B 279 -5.75 6.99 -32.29
CA VAL B 279 -7.06 6.43 -32.71
C VAL B 279 -7.64 7.26 -33.87
N CYS B 280 -7.91 8.55 -33.65
CA CYS B 280 -8.54 9.42 -34.68
C CYS B 280 -7.59 9.55 -35.86
N GLY B 281 -6.33 9.90 -35.63
CA GLY B 281 -5.32 10.04 -36.69
C GLY B 281 -5.12 8.74 -37.46
N GLY B 282 -4.98 7.63 -36.73
CA GLY B 282 -4.79 6.30 -37.33
C GLY B 282 -5.94 5.92 -38.25
N LEU B 283 -7.17 6.04 -37.76
CA LEU B 283 -8.39 5.73 -38.55
C LEU B 283 -8.44 6.60 -39.78
N ARG B 284 -8.26 7.92 -39.60
CA ARG B 284 -8.45 8.89 -40.70
C ARG B 284 -7.40 8.59 -41.77
N HIS B 285 -6.15 8.34 -41.39
CA HIS B 285 -5.07 8.10 -42.36
C HIS B 285 -5.36 6.78 -43.09
N TYR B 286 -5.75 5.76 -42.33
CA TYR B 286 -6.00 4.39 -42.88
C TYR B 286 -7.10 4.41 -43.95
N PHE B 287 -8.22 5.10 -43.72
CA PHE B 287 -9.37 5.12 -44.65
C PHE B 287 -9.34 6.34 -45.57
N ASN B 288 -8.28 7.14 -45.49
CA ASN B 288 -8.10 8.38 -46.28
C ASN B 288 -9.28 9.33 -46.03
N CYS B 289 -9.64 9.55 -44.77
CA CYS B 289 -10.43 10.73 -44.37
C CYS B 289 -9.44 11.89 -44.21
N SER B 290 -8.92 12.40 -45.32
CA SER B 290 -8.01 13.58 -45.38
C SER B 290 -8.76 14.83 -44.90
N ILE B 291 -8.07 15.96 -44.82
CA ILE B 291 -8.70 17.24 -44.38
C ILE B 291 -9.71 17.69 -45.46
N ARG B 292 -9.52 17.30 -46.72
CA ARG B 292 -10.41 17.65 -47.87
C ARG B 292 -11.62 16.71 -47.99
N HIS B 293 -11.80 15.77 -47.06
CA HIS B 293 -12.94 14.80 -47.05
C HIS B 293 -13.98 15.26 -46.04
N ASN B 294 -15.19 14.72 -46.13
CA ASN B 294 -16.33 15.01 -45.22
C ASN B 294 -16.13 14.17 -43.93
N TYR B 295 -15.78 14.85 -42.84
CA TYR B 295 -15.63 14.25 -41.49
C TYR B 295 -16.95 13.60 -41.06
N GLU B 296 -18.08 14.25 -41.36
CA GLU B 296 -19.42 13.73 -40.99
C GLU B 296 -19.67 12.41 -41.74
N GLU B 297 -19.30 12.34 -43.02
CA GLU B 297 -19.48 11.10 -43.82
C GLU B 297 -18.65 9.98 -43.19
N PHE B 298 -17.40 10.28 -42.79
CA PHE B 298 -16.50 9.28 -42.18
C PHE B 298 -17.08 8.75 -40.86
N CYS B 299 -17.65 9.65 -40.04
CA CYS B 299 -18.28 9.27 -38.74
C CYS B 299 -19.40 8.25 -38.98
N ASN B 300 -20.29 8.53 -39.94
CA ASN B 300 -21.42 7.63 -40.25
C ASN B 300 -20.87 6.29 -40.75
N PHE B 301 -19.78 6.31 -41.51
CA PHE B 301 -19.17 5.09 -42.08
C PHE B 301 -18.51 4.24 -40.97
N ILE B 302 -17.77 4.86 -40.07
CA ILE B 302 -16.92 4.13 -39.10
C ILE B 302 -17.67 3.89 -37.79
N GLU B 303 -18.84 4.48 -37.60
CA GLU B 303 -19.51 4.46 -36.28
C GLU B 303 -19.88 3.04 -35.86
N PHE B 304 -19.59 2.68 -34.62
CA PHE B 304 -20.08 1.45 -33.95
C PHE B 304 -21.53 1.67 -33.53
N LYS B 305 -22.46 0.93 -34.12
CA LYS B 305 -23.92 1.02 -33.82
C LYS B 305 -24.40 -0.33 -33.31
N HIS B 306 -25.10 -0.35 -32.19
CA HIS B 306 -25.77 -1.57 -31.69
C HIS B 306 -26.91 -1.21 -30.76
N GLU B 307 -28.08 -1.82 -30.99
CA GLU B 307 -29.32 -1.53 -30.25
C GLU B 307 -29.16 -1.81 -28.74
N HIS B 308 -28.28 -2.73 -28.35
CA HIS B 308 -28.15 -3.20 -26.95
C HIS B 308 -27.04 -2.45 -26.18
N ILE B 309 -26.37 -1.49 -26.80
CA ILE B 309 -25.44 -0.57 -26.08
C ILE B 309 -26.21 0.68 -25.68
N PHE B 310 -26.27 0.97 -24.39
CA PHE B 310 -27.06 2.09 -23.82
C PHE B 310 -26.11 3.16 -23.25
N MSE B 311 -26.29 4.42 -23.65
CA MSE B 311 -25.47 5.56 -23.14
C MSE B 311 -25.81 5.83 -21.68
O MSE B 311 -26.96 5.54 -21.27
CB MSE B 311 -25.65 6.82 -24.00
CG MSE B 311 -25.47 6.60 -25.48
SE MSE B 311 -23.59 6.23 -25.98
CE MSE B 311 -23.41 4.31 -25.75
N ASP B 312 -24.83 6.31 -20.92
CA ASP B 312 -24.98 6.66 -19.49
C ASP B 312 -26.13 7.65 -19.35
N THR B 313 -27.03 7.41 -18.39
CA THR B 313 -28.20 8.28 -18.08
C THR B 313 -27.92 9.17 -16.86
N SER B 314 -27.04 8.74 -15.93
CA SER B 314 -26.76 9.43 -14.63
C SER B 314 -26.32 10.88 -14.86
N SER B 315 -25.51 11.11 -15.89
CA SER B 315 -25.07 12.45 -16.40
C SER B 315 -26.24 13.44 -16.36
N LEU B 316 -27.39 13.05 -16.94
CA LEU B 316 -28.46 13.95 -17.48
C LEU B 316 -29.17 14.68 -16.32
N THR B 317 -29.87 15.79 -16.64
CA THR B 317 -30.72 16.61 -15.72
C THR B 317 -31.92 17.17 -16.51
N ILE B 318 -32.54 18.29 -16.09
CA ILE B 318 -33.55 19.07 -16.87
C ILE B 318 -32.89 19.50 -18.20
N SER C 13 -54.60 29.54 36.17
CA SER C 13 -54.44 30.92 35.62
C SER C 13 -54.74 30.93 34.12
N SER C 14 -54.24 29.95 33.35
CA SER C 14 -54.50 29.81 31.90
C SER C 14 -54.67 28.33 31.49
N GLY C 15 -55.05 27.45 32.44
CA GLY C 15 -55.33 26.02 32.16
C GLY C 15 -54.55 25.10 33.08
N SER C 16 -54.97 23.84 33.14
CA SER C 16 -54.33 22.81 33.98
C SER C 16 -54.57 21.42 33.36
N ALA C 17 -53.55 20.56 33.42
CA ALA C 17 -53.60 19.15 32.97
C ALA C 17 -53.12 18.22 34.09
N ASN C 18 -53.73 17.04 34.18
CA ASN C 18 -53.50 16.08 35.29
C ASN C 18 -52.84 14.81 34.76
N PHE C 19 -51.77 14.35 35.40
CA PHE C 19 -51.17 13.02 35.15
C PHE C 19 -50.60 12.47 36.45
N ALA C 20 -50.94 11.23 36.78
CA ALA C 20 -50.47 10.49 37.97
C ALA C 20 -50.73 11.31 39.23
N GLY C 21 -51.95 11.83 39.36
CA GLY C 21 -52.41 12.64 40.51
C GLY C 21 -51.56 13.87 40.77
N VAL C 22 -51.00 14.48 39.71
CA VAL C 22 -50.23 15.75 39.81
C VAL C 22 -50.82 16.71 38.77
N GLU C 23 -51.12 17.93 39.19
CA GLU C 23 -51.62 19.01 38.33
C GLU C 23 -50.45 19.72 37.66
N TYR C 24 -50.53 19.93 36.35
CA TYR C 24 -49.50 20.65 35.58
C TYR C 24 -50.16 21.81 34.89
N PRO C 25 -49.74 23.05 35.19
CA PRO C 25 -50.25 24.22 34.47
C PRO C 25 -49.95 24.15 32.97
N LEU C 26 -50.97 24.44 32.17
CA LEU C 26 -50.81 24.64 30.71
C LEU C 26 -50.10 25.97 30.48
N LEU C 27 -48.85 25.92 30.04
CA LEU C 27 -48.09 27.17 29.74
C LEU C 27 -48.23 27.51 28.26
N PRO C 28 -48.39 28.79 27.92
CA PRO C 28 -48.57 29.21 26.54
C PRO C 28 -47.26 29.21 25.73
N LEU C 29 -47.36 28.82 24.46
CA LEU C 29 -46.30 29.06 23.45
C LEU C 29 -46.84 30.10 22.48
N ASP C 30 -46.36 31.33 22.56
CA ASP C 30 -46.93 32.46 21.79
C ASP C 30 -46.77 32.19 20.30
N GLN C 31 -47.52 32.93 19.50
CA GLN C 31 -47.60 32.77 18.02
C GLN C 31 -46.28 33.19 17.35
N HIS C 32 -45.29 33.59 18.17
CA HIS C 32 -43.96 33.99 17.67
C HIS C 32 -42.93 32.88 17.90
N THR C 33 -43.27 31.85 18.67
CA THR C 33 -42.36 30.70 18.88
C THR C 33 -41.90 30.21 17.51
N PRO C 34 -40.59 30.18 17.21
CA PRO C 34 -40.14 29.74 15.89
C PRO C 34 -40.45 28.25 15.61
N LEU C 35 -40.65 27.92 14.34
CA LEU C 35 -40.73 26.54 13.84
C LEU C 35 -39.34 26.05 13.41
N LEU C 36 -39.09 24.76 13.58
CA LEU C 36 -37.79 24.17 13.21
C LEU C 36 -38.01 22.92 12.39
N PHE C 37 -37.40 22.89 11.22
CA PHE C 37 -37.21 21.70 10.35
C PHE C 37 -35.73 21.35 10.35
N GLN C 38 -35.44 20.08 10.06
CA GLN C 38 -34.08 19.50 10.07
C GLN C 38 -33.83 18.77 8.74
N TRP C 39 -32.77 19.08 8.05
CA TRP C 39 -32.36 18.30 6.85
C TRP C 39 -30.86 18.04 6.93
N PHE C 40 -30.50 16.83 7.34
CA PHE C 40 -29.10 16.35 7.37
C PHE C 40 -28.95 15.42 6.16
N GLU C 41 -28.14 15.85 5.20
CA GLU C 41 -27.97 15.14 3.92
C GLU C 41 -26.62 14.42 3.95
N ARG C 42 -26.66 13.10 3.75
CA ARG C 42 -25.45 12.24 3.72
C ARG C 42 -24.77 12.36 2.36
N ASN C 43 -25.57 12.38 1.28
CA ASN C 43 -25.08 12.37 -0.12
C ASN C 43 -25.65 13.58 -0.85
N PRO C 44 -25.07 14.78 -0.69
CA PRO C 44 -25.56 15.97 -1.36
C PRO C 44 -25.35 15.95 -2.89
N SER C 45 -24.40 15.14 -3.35
CA SER C 45 -24.10 14.98 -4.79
C SER C 45 -25.29 14.39 -5.53
N ARG C 46 -26.22 13.72 -4.86
CA ARG C 46 -27.45 13.19 -5.53
C ARG C 46 -28.31 14.36 -6.05
N PHE C 47 -28.12 15.57 -5.55
CA PHE C 47 -28.82 16.79 -6.04
C PHE C 47 -27.91 17.54 -7.02
N GLY C 48 -28.50 18.30 -7.94
CA GLY C 48 -27.76 19.19 -8.85
C GLY C 48 -26.83 20.13 -8.10
N GLU C 49 -25.75 20.56 -8.73
CA GLU C 49 -24.75 21.44 -8.07
C GLU C 49 -25.34 22.82 -7.78
N ASN C 50 -26.48 23.17 -8.39
CA ASN C 50 -27.13 24.50 -8.19
C ASN C 50 -28.56 24.32 -7.70
N GLN C 51 -28.88 23.15 -7.15
CA GLN C 51 -30.23 22.88 -6.62
C GLN C 51 -30.19 22.98 -5.09
N ILE C 52 -31.32 23.36 -4.51
CA ILE C 52 -31.52 23.28 -3.04
C ILE C 52 -31.36 21.81 -2.66
N PRO C 53 -30.34 21.48 -1.86
CA PRO C 53 -30.06 20.08 -1.50
C PRO C 53 -31.03 19.50 -0.45
N ILE C 54 -32.34 19.70 -0.67
CA ILE C 54 -33.41 19.13 0.17
C ILE C 54 -34.30 18.30 -0.75
N ILE C 55 -34.70 17.11 -0.28
CA ILE C 55 -35.53 16.19 -1.08
C ILE C 55 -36.84 16.90 -1.41
N ASN C 56 -37.31 16.77 -2.65
CA ASN C 56 -38.57 17.45 -3.06
C ASN C 56 -39.22 16.66 -4.19
N THR C 57 -39.48 15.39 -3.96
CA THR C 57 -40.19 14.52 -4.92
C THR C 57 -41.68 14.52 -4.56
N GLN C 58 -42.50 13.88 -5.39
CA GLN C 58 -43.95 13.72 -5.12
C GLN C 58 -44.14 12.73 -3.98
N GLN C 59 -43.20 11.81 -3.78
CA GLN C 59 -43.27 10.88 -2.64
C GLN C 59 -42.84 11.63 -1.36
N ASN C 60 -41.84 12.51 -1.45
CA ASN C 60 -41.27 13.23 -0.28
C ASN C 60 -41.13 14.71 -0.65
N PRO C 61 -42.23 15.48 -0.64
CA PRO C 61 -42.19 16.90 -1.00
C PRO C 61 -41.77 17.78 0.19
N TYR C 62 -40.58 17.53 0.73
CA TYR C 62 -40.14 18.11 2.03
C TYR C 62 -39.89 19.61 1.82
N LEU C 63 -39.23 19.99 0.74
CA LEU C 63 -38.96 21.42 0.48
C LEU C 63 -40.28 22.17 0.33
N ASN C 64 -41.23 21.60 -0.41
CA ASN C 64 -42.58 22.20 -0.59
C ASN C 64 -43.27 22.32 0.79
N ASN C 65 -43.16 21.30 1.64
CA ASN C 65 -43.83 21.32 2.97
C ASN C 65 -43.25 22.45 3.83
N ILE C 66 -41.94 22.68 3.71
CA ILE C 66 -41.25 23.74 4.51
C ILE C 66 -41.74 25.10 4.00
N ILE C 67 -41.79 25.25 2.69
CA ILE C 67 -42.23 26.54 2.07
C ILE C 67 -43.69 26.79 2.44
N ASN C 68 -44.53 25.75 2.32
CA ASN C 68 -45.97 25.90 2.60
C ASN C 68 -46.17 26.38 4.05
N ALA C 69 -45.33 25.90 4.98
CA ALA C 69 -45.42 26.30 6.40
C ALA C 69 -44.98 27.77 6.52
N ALA C 70 -43.97 28.18 5.76
CA ALA C 70 -43.46 29.57 5.81
C ALA C 70 -44.49 30.53 5.18
N ILE C 71 -45.20 30.08 4.14
CA ILE C 71 -46.27 30.88 3.49
C ILE C 71 -47.42 31.08 4.49
N ILE C 72 -47.83 30.01 5.19
CA ILE C 72 -48.98 30.10 6.14
C ILE C 72 -48.58 30.99 7.33
N GLU C 73 -47.40 30.75 7.91
CA GLU C 73 -46.96 31.38 9.17
C GLU C 73 -46.03 32.54 8.79
N LYS C 74 -46.62 33.64 8.32
CA LYS C 74 -45.86 34.79 7.77
C LYS C 74 -45.06 35.47 8.90
N GLU C 75 -45.66 35.67 10.08
CA GLU C 75 -45.04 36.46 11.18
C GLU C 75 -43.94 35.64 11.87
N ARG C 76 -43.99 34.31 11.74
CA ARG C 76 -43.18 33.38 12.57
C ARG C 76 -41.86 33.09 11.86
N THR C 77 -40.77 33.09 12.61
CA THR C 77 -39.46 32.63 12.10
C THR C 77 -39.51 31.12 11.83
N ILE C 78 -39.10 30.73 10.65
CA ILE C 78 -39.05 29.30 10.22
C ILE C 78 -37.58 28.89 10.09
N GLY C 79 -37.12 28.02 10.98
CA GLY C 79 -35.75 27.50 11.01
C GLY C 79 -35.61 26.23 10.20
N VAL C 80 -34.53 26.14 9.43
CA VAL C 80 -34.13 24.88 8.74
C VAL C 80 -32.70 24.57 9.16
N LEU C 81 -32.54 23.61 10.07
CA LEU C 81 -31.21 23.17 10.56
C LEU C 81 -30.66 22.17 9.54
N VAL C 82 -29.58 22.53 8.85
CA VAL C 82 -28.99 21.67 7.78
C VAL C 82 -27.59 21.22 8.20
N ASP C 83 -27.15 20.12 7.61
CA ASP C 83 -25.78 19.59 7.76
C ASP C 83 -25.44 18.73 6.55
N GLY C 84 -24.16 18.63 6.23
CA GLY C 84 -23.67 17.83 5.09
C GLY C 84 -22.64 18.56 4.27
N ASN C 85 -22.02 17.86 3.34
CA ASN C 85 -20.90 18.37 2.53
C ASN C 85 -21.48 19.00 1.25
N PHE C 86 -22.19 20.10 1.39
CA PHE C 86 -22.87 20.79 0.25
C PHE C 86 -21.84 21.50 -0.62
N SER C 87 -22.03 21.47 -1.93
CA SER C 87 -21.25 22.26 -2.92
C SER C 87 -21.54 23.74 -2.72
N ALA C 88 -20.64 24.58 -3.22
CA ALA C 88 -20.75 26.06 -3.14
C ALA C 88 -22.06 26.51 -3.80
N GLY C 89 -22.48 25.87 -4.90
CA GLY C 89 -23.71 26.22 -5.61
C GLY C 89 -24.95 25.82 -4.84
N GLN C 90 -24.87 24.72 -4.10
CA GLN C 90 -26.01 24.26 -3.28
C GLN C 90 -26.19 25.19 -2.07
N LYS C 91 -25.11 25.73 -1.52
CA LYS C 91 -25.18 26.71 -0.41
C LYS C 91 -25.78 28.03 -0.91
N LYS C 92 -25.48 28.43 -2.15
CA LYS C 92 -26.04 29.67 -2.74
C LYS C 92 -27.53 29.48 -2.99
N ALA C 93 -27.95 28.28 -3.39
CA ALA C 93 -29.38 27.96 -3.59
C ALA C 93 -30.10 28.02 -2.24
N LEU C 94 -29.45 27.57 -1.17
CA LEU C 94 -30.02 27.69 0.19
C LEU C 94 -30.03 29.17 0.60
N ALA C 95 -28.98 29.90 0.26
CA ALA C 95 -28.91 31.35 0.55
C ALA C 95 -30.02 32.08 -0.21
N LYS C 96 -30.34 31.65 -1.42
CA LYS C 96 -31.42 32.25 -2.26
C LYS C 96 -32.78 31.90 -1.67
N LEU C 97 -32.95 30.72 -1.10
CA LEU C 97 -34.23 30.34 -0.45
C LEU C 97 -34.52 31.32 0.70
N GLU C 98 -33.51 31.71 1.48
CA GLU C 98 -33.65 32.65 2.63
C GLU C 98 -34.05 34.02 2.08
N LYS C 99 -33.81 34.28 0.80
CA LYS C 99 -34.11 35.59 0.16
C LYS C 99 -35.55 35.56 -0.37
N GLN C 100 -36.00 34.47 -0.97
CA GLN C 100 -37.37 34.40 -1.53
C GLN C 100 -38.40 34.38 -0.41
N TYR C 101 -38.04 33.91 0.79
CA TYR C 101 -38.95 33.76 1.97
C TYR C 101 -38.25 34.36 3.19
N GLU C 102 -38.63 35.58 3.58
CA GLU C 102 -37.92 36.33 4.64
C GLU C 102 -37.91 35.56 5.97
N ASN C 103 -39.02 34.91 6.32
CA ASN C 103 -39.11 34.16 7.61
C ASN C 103 -38.19 32.93 7.63
N ILE C 104 -37.83 32.38 6.46
CA ILE C 104 -37.01 31.13 6.44
C ILE C 104 -35.54 31.48 6.76
N LYS C 105 -35.00 30.82 7.78
CA LYS C 105 -33.58 30.98 8.19
C LYS C 105 -32.91 29.62 8.08
N VAL C 106 -31.91 29.51 7.22
CA VAL C 106 -31.10 28.29 7.07
C VAL C 106 -29.94 28.36 8.07
N ILE C 107 -29.90 27.41 9.00
CA ILE C 107 -28.81 27.31 10.01
C ILE C 107 -28.01 26.06 9.72
N TYR C 108 -26.71 26.22 9.52
CA TYR C 108 -25.76 25.09 9.39
C TYR C 108 -25.42 24.59 10.80
N ASN C 109 -25.63 23.30 11.05
CA ASN C 109 -25.34 22.63 12.34
C ASN C 109 -23.88 22.89 12.76
N SER C 110 -22.96 22.92 11.80
CA SER C 110 -21.51 23.15 12.07
C SER C 110 -21.26 24.55 12.63
N ASP C 111 -22.16 25.50 12.43
CA ASP C 111 -21.97 26.89 12.93
C ASP C 111 -22.41 27.01 14.40
N LEU C 112 -22.95 25.97 15.02
CA LEU C 112 -23.39 26.06 16.44
C LEU C 112 -22.38 25.38 17.36
N ASP C 113 -22.23 25.87 18.58
CA ASP C 113 -21.31 25.30 19.59
C ASP C 113 -22.13 24.47 20.58
N TYR C 114 -21.94 23.15 20.54
CA TYR C 114 -22.67 22.23 21.44
C TYR C 114 -21.82 21.75 22.62
N SER C 115 -20.65 22.36 22.86
CA SER C 115 -19.64 21.83 23.81
C SER C 115 -20.15 21.85 25.25
N MSE C 116 -21.10 22.73 25.57
CA MSE C 116 -21.67 22.85 26.94
C MSE C 116 -22.58 21.66 27.26
O MSE C 116 -22.93 21.49 28.44
CB MSE C 116 -22.43 24.17 27.12
CG MSE C 116 -23.76 24.32 26.36
SE MSE C 116 -23.46 24.63 24.39
CE MSE C 116 -22.18 26.17 24.43
N TYR C 117 -23.01 20.91 26.25
CA TYR C 117 -23.88 19.72 26.43
C TYR C 117 -23.06 18.42 26.33
N ASP C 118 -21.76 18.54 26.08
CA ASP C 118 -20.91 17.36 25.77
C ASP C 118 -20.40 16.73 27.07
N LYS C 119 -19.92 15.50 26.95
CA LYS C 119 -19.32 14.75 28.10
C LYS C 119 -18.41 13.67 27.52
N LYS C 120 -17.30 13.41 28.18
CA LYS C 120 -16.32 12.40 27.70
C LYS C 120 -16.87 11.00 27.96
N LEU C 121 -16.76 10.12 26.96
CA LEU C 121 -17.21 8.72 27.08
C LEU C 121 -16.47 8.02 28.23
N SER C 122 -15.17 8.30 28.39
CA SER C 122 -14.36 7.68 29.46
C SER C 122 -14.96 8.02 30.84
N ASP C 123 -15.50 9.23 30.98
CA ASP C 123 -16.09 9.67 32.27
C ASP C 123 -17.39 8.89 32.52
N ILE C 124 -18.21 8.69 31.49
CA ILE C 124 -19.51 7.99 31.62
C ILE C 124 -19.23 6.53 32.01
N TYR C 125 -18.29 5.89 31.33
CA TYR C 125 -17.99 4.47 31.57
C TYR C 125 -17.43 4.26 32.97
N LEU C 126 -16.49 5.11 33.40
CA LEU C 126 -15.89 4.98 34.74
C LEU C 126 -16.96 5.15 35.82
N GLU C 127 -17.85 6.13 35.66
CA GLU C 127 -18.94 6.36 36.63
C GLU C 127 -19.77 5.08 36.77
N ASN C 128 -20.09 4.44 35.64
CA ASN C 128 -21.01 3.26 35.65
C ASN C 128 -20.28 2.03 36.20
N ILE C 129 -18.99 1.90 35.91
CA ILE C 129 -18.17 0.79 36.44
C ILE C 129 -18.15 0.91 37.95
N ALA C 130 -17.98 2.12 38.49
CA ALA C 130 -17.97 2.35 39.95
C ALA C 130 -19.37 2.13 40.51
N LYS C 131 -20.42 2.58 39.82
CA LYS C 131 -21.82 2.44 40.31
C LYS C 131 -22.17 0.94 40.41
N ILE C 132 -21.88 0.18 39.36
CA ILE C 132 -22.27 -1.26 39.26
C ILE C 132 -21.49 -2.06 40.30
N GLU C 133 -20.21 -1.73 40.49
CA GLU C 133 -19.30 -2.47 41.41
C GLU C 133 -19.69 -2.23 42.88
N ALA C 134 -20.37 -1.12 43.21
CA ALA C 134 -20.85 -0.83 44.57
C ALA C 134 -22.03 -1.74 44.89
N GLN C 135 -22.84 -2.09 43.90
CA GLN C 135 -24.04 -2.96 44.06
C GLN C 135 -23.57 -4.32 44.59
N PRO C 136 -24.39 -5.06 45.36
CA PRO C 136 -24.10 -6.47 45.68
C PRO C 136 -24.14 -7.37 44.43
N ALA C 137 -23.50 -8.54 44.49
CA ALA C 137 -23.34 -9.50 43.35
C ALA C 137 -24.68 -10.04 42.84
N ASN C 138 -25.71 -10.10 43.69
CA ASN C 138 -27.02 -10.73 43.36
C ASN C 138 -27.89 -9.76 42.56
N VAL C 139 -27.52 -8.48 42.43
CA VAL C 139 -28.32 -7.46 41.67
C VAL C 139 -27.51 -6.83 40.51
N ARG C 140 -26.20 -7.11 40.42
CA ARG C 140 -25.30 -6.53 39.40
C ARG C 140 -25.63 -7.01 38.00
N ASP C 141 -25.79 -6.11 37.03
CA ASP C 141 -25.82 -6.45 35.59
C ASP C 141 -24.39 -6.79 35.14
N GLU C 142 -23.99 -8.04 35.35
CA GLU C 142 -22.64 -8.58 35.06
C GLU C 142 -22.35 -8.47 33.57
N TYR C 143 -23.34 -8.70 32.71
CA TYR C 143 -23.10 -8.61 31.24
C TYR C 143 -22.80 -7.15 30.90
N LEU C 144 -23.58 -6.21 31.46
CA LEU C 144 -23.44 -4.77 31.13
C LEU C 144 -22.06 -4.28 31.60
N LEU C 145 -21.65 -4.69 32.80
CA LEU C 145 -20.35 -4.28 33.36
C LEU C 145 -19.21 -4.67 32.41
N GLY C 146 -19.22 -5.92 31.92
CA GLY C 146 -18.21 -6.41 30.95
C GLY C 146 -18.22 -5.59 29.67
N GLU C 147 -19.41 -5.25 29.19
CA GLU C 147 -19.57 -4.48 27.93
C GLU C 147 -19.02 -3.07 28.11
N ILE C 148 -19.31 -2.45 29.24
CA ILE C 148 -18.84 -1.06 29.52
C ILE C 148 -17.31 -1.08 29.57
N LYS C 149 -16.74 -2.03 30.32
CA LYS C 149 -15.27 -2.16 30.46
C LYS C 149 -14.68 -2.37 29.07
N LYS C 150 -15.38 -3.13 28.24
CA LYS C 150 -14.93 -3.34 26.85
C LYS C 150 -14.98 -2.02 26.08
N SER C 151 -16.07 -1.27 26.19
CA SER C 151 -16.25 0.05 25.51
C SER C 151 -15.15 1.03 25.99
N LEU C 152 -14.88 1.06 27.29
CA LEU C 152 -13.84 1.96 27.84
C LEU C 152 -12.48 1.58 27.26
N ASN C 153 -12.17 0.30 27.19
CA ASN C 153 -10.86 -0.18 26.73
C ASN C 153 -10.67 0.27 25.26
N GLU C 154 -11.72 0.22 24.45
CA GLU C 154 -11.58 0.61 23.01
C GLU C 154 -11.40 2.12 22.91
N VAL C 155 -11.98 2.88 23.84
CA VAL C 155 -11.81 4.36 23.86
C VAL C 155 -10.35 4.66 24.20
N LEU C 156 -9.83 4.04 25.26
CA LEU C 156 -8.43 4.28 25.71
C LEU C 156 -7.42 3.80 24.66
N LYS C 157 -7.81 2.89 23.78
CA LYS C 157 -6.90 2.36 22.74
C LYS C 157 -7.03 3.11 21.42
N ASN C 158 -8.13 3.81 21.17
CA ASN C 158 -8.40 4.35 19.81
C ASN C 158 -8.61 5.87 19.83
N ASN C 159 -9.27 6.40 20.86
CA ASN C 159 -9.68 7.84 20.93
C ASN C 159 -10.03 8.17 22.37
N PRO C 160 -9.04 8.38 23.25
CA PRO C 160 -9.32 8.61 24.67
C PRO C 160 -10.12 9.89 24.97
N GLU C 161 -10.16 10.82 24.02
CA GLU C 161 -10.94 12.07 24.13
C GLU C 161 -12.35 11.92 23.53
N GLU C 162 -12.76 10.73 23.10
CA GLU C 162 -14.09 10.52 22.48
C GLU C 162 -15.17 10.99 23.46
N SER C 163 -16.11 11.78 22.94
CA SER C 163 -17.22 12.34 23.73
C SER C 163 -18.55 11.97 23.06
N LEU C 164 -19.64 12.28 23.75
CA LEU C 164 -21.01 12.09 23.19
C LEU C 164 -21.10 12.77 21.82
N VAL C 165 -20.58 13.99 21.69
CA VAL C 165 -20.69 14.76 20.42
C VAL C 165 -19.83 14.09 19.35
N SER C 166 -18.56 13.81 19.63
CA SER C 166 -17.61 13.23 18.65
C SER C 166 -18.08 11.83 18.24
N SER C 167 -18.53 11.02 19.19
CA SER C 167 -19.05 9.65 18.90
C SER C 167 -20.32 9.75 18.07
N HIS C 168 -21.25 10.63 18.42
CA HIS C 168 -22.52 10.80 17.66
C HIS C 168 -22.23 11.44 16.31
N ASP C 169 -21.14 12.20 16.21
CA ASP C 169 -20.72 12.84 14.93
C ASP C 169 -20.36 11.78 13.90
N LYS C 170 -19.94 10.58 14.34
CA LYS C 170 -19.50 9.48 13.44
C LYS C 170 -20.67 8.58 13.04
N ARG C 171 -21.75 8.53 13.82
CA ARG C 171 -22.88 7.59 13.60
C ARG C 171 -23.56 8.02 12.31
N LEU C 172 -24.36 7.11 11.74
CA LEU C 172 -25.08 7.33 10.47
C LEU C 172 -26.58 7.22 10.74
N GLY C 173 -27.38 7.91 9.93
CA GLY C 173 -28.85 7.86 10.00
C GLY C 173 -29.42 8.66 11.15
N HIS C 174 -30.55 8.19 11.65
CA HIS C 174 -31.47 8.98 12.51
C HIS C 174 -30.80 9.27 13.85
N VAL C 175 -29.94 8.39 14.36
CA VAL C 175 -29.38 8.56 15.73
C VAL C 175 -28.59 9.87 15.79
N ARG C 176 -27.93 10.29 14.70
CA ARG C 176 -27.19 11.57 14.71
C ARG C 176 -28.14 12.76 14.50
N PHE C 177 -29.18 12.61 13.69
CA PHE C 177 -30.24 13.63 13.54
C PHE C 177 -30.88 13.88 14.90
N ASP C 178 -31.32 12.81 15.56
CA ASP C 178 -32.04 12.89 16.85
C ASP C 178 -31.14 13.56 17.90
N PHE C 179 -29.84 13.29 17.86
CA PHE C 179 -28.89 13.80 18.87
C PHE C 179 -28.84 15.33 18.79
N TYR C 180 -28.64 15.86 17.60
CA TYR C 180 -28.53 17.32 17.40
C TYR C 180 -29.89 18.00 17.52
N ARG C 181 -30.98 17.29 17.22
CA ARG C 181 -32.35 17.84 17.36
C ARG C 181 -32.56 18.21 18.82
N ASN C 182 -32.21 17.31 19.74
CA ASN C 182 -32.39 17.55 21.20
C ASN C 182 -31.56 18.76 21.61
N LEU C 183 -30.33 18.87 21.10
CA LEU C 183 -29.39 19.91 21.57
C LEU C 183 -29.84 21.26 21.03
N PHE C 184 -30.27 21.32 19.78
CA PHE C 184 -30.82 22.57 19.21
C PHE C 184 -32.03 23.04 20.06
N LEU C 185 -32.93 22.13 20.41
CA LEU C 185 -34.15 22.51 21.18
C LEU C 185 -33.78 22.96 22.58
N LEU C 186 -32.67 22.48 23.13
CA LEU C 186 -32.19 22.97 24.45
C LEU C 186 -31.70 24.40 24.31
N LYS C 187 -31.10 24.77 23.16
CA LYS C 187 -30.74 26.18 22.87
C LYS C 187 -32.02 26.98 22.69
N GLY C 188 -33.05 26.36 22.13
CA GLY C 188 -34.29 27.05 21.74
C GLY C 188 -34.06 28.21 20.79
N SER C 189 -34.79 29.31 21.00
CA SER C 189 -34.72 30.55 20.20
C SER C 189 -33.29 31.11 20.13
N ASN C 190 -32.48 30.94 21.17
CA ASN C 190 -31.06 31.38 21.25
C ASN C 190 -30.29 30.89 20.03
N ALA C 191 -30.62 29.71 19.51
CA ALA C 191 -29.83 29.07 18.43
C ALA C 191 -29.86 29.94 17.18
N PHE C 192 -31.00 30.59 16.90
CA PHE C 192 -31.12 31.52 15.76
C PHE C 192 -30.20 32.74 15.99
N LEU C 193 -30.15 33.22 17.22
CA LEU C 193 -29.32 34.40 17.58
C LEU C 193 -27.84 33.98 17.53
N GLU C 194 -27.50 32.80 18.06
CA GLU C 194 -26.11 32.29 18.06
C GLU C 194 -25.64 32.16 16.59
N ALA C 195 -26.48 31.65 15.71
CA ALA C 195 -26.15 31.44 14.28
C ALA C 195 -26.10 32.76 13.51
N GLY C 196 -26.49 33.87 14.14
CA GLY C 196 -26.41 35.20 13.48
C GLY C 196 -27.45 35.37 12.39
N LYS C 197 -28.67 34.91 12.63
CA LYS C 197 -29.85 35.18 11.77
C LYS C 197 -30.46 36.53 12.15
N HIS C 198 -30.45 37.46 11.20
CA HIS C 198 -30.93 38.85 11.38
C HIS C 198 -32.42 38.95 11.06
N GLY C 199 -33.09 39.90 11.70
CA GLY C 199 -34.51 40.21 11.48
C GLY C 199 -35.44 39.13 11.98
N CYS C 200 -35.06 38.38 13.01
CA CYS C 200 -35.98 37.42 13.68
C CYS C 200 -36.93 38.19 14.61
N HIS C 201 -38.16 38.35 14.14
CA HIS C 201 -39.25 39.14 14.75
C HIS C 201 -39.71 38.51 16.07
N HIS C 202 -39.62 39.26 17.17
CA HIS C 202 -40.14 38.86 18.51
C HIS C 202 -39.32 37.69 19.05
N LEU C 203 -38.22 37.33 18.43
CA LEU C 203 -37.45 36.14 18.86
C LEU C 203 -36.60 36.50 20.08
N GLN C 204 -36.88 35.89 21.21
CA GLN C 204 -36.23 36.31 22.48
C GLN C 204 -35.22 35.27 22.92
N PRO C 205 -34.10 35.69 23.52
CA PRO C 205 -33.23 34.76 24.24
C PRO C 205 -33.99 34.10 25.40
N GLY C 206 -33.74 32.81 25.62
CA GLY C 206 -34.54 32.01 26.56
C GLY C 206 -35.84 31.49 25.94
N GLY C 207 -36.17 31.92 24.71
CA GLY C 207 -37.42 31.52 24.06
C GLY C 207 -37.43 30.05 23.65
N GLY C 208 -38.63 29.52 23.41
CA GLY C 208 -38.85 28.13 22.98
C GLY C 208 -38.68 27.94 21.48
N CYS C 209 -39.21 26.81 21.00
CA CYS C 209 -39.05 26.35 19.61
C CYS C 209 -40.03 25.19 19.40
N ILE C 210 -40.47 24.99 18.17
CA ILE C 210 -41.38 23.88 17.82
C ILE C 210 -40.74 23.11 16.68
N TYR C 211 -40.24 21.91 16.97
CA TYR C 211 -39.70 21.03 15.90
C TYR C 211 -40.87 20.33 15.18
N LEU C 212 -40.82 20.29 13.85
CA LEU C 212 -41.77 19.51 13.02
C LEU C 212 -41.01 18.65 12.02
N ASP C 213 -41.39 17.40 11.87
CA ASP C 213 -40.86 16.55 10.78
C ASP C 213 -41.28 17.19 9.45
N ALA C 214 -40.41 17.10 8.46
CA ALA C 214 -40.62 17.77 7.16
C ALA C 214 -41.68 17.03 6.34
N ASP C 215 -42.02 15.80 6.68
CA ASP C 215 -43.07 15.04 5.95
C ASP C 215 -44.46 15.48 6.42
N MSE C 216 -44.55 16.38 7.39
CA MSE C 216 -45.86 16.86 7.92
C MSE C 216 -46.20 18.21 7.31
O MSE C 216 -45.29 19.05 7.12
CB MSE C 216 -45.82 16.97 9.43
CG MSE C 216 -45.77 15.63 10.09
SE MSE C 216 -45.51 15.96 11.95
CE MSE C 216 -45.47 14.04 12.53
N LEU C 217 -47.47 18.38 6.99
CA LEU C 217 -47.97 19.57 6.26
C LEU C 217 -48.69 20.45 7.26
N LEU C 218 -48.23 21.68 7.41
CA LEU C 218 -49.01 22.71 8.14
C LEU C 218 -50.01 23.32 7.15
N THR C 219 -51.30 23.27 7.48
CA THR C 219 -52.38 23.77 6.59
C THR C 219 -53.06 25.02 7.15
N GLY C 220 -52.67 25.46 8.34
CA GLY C 220 -53.21 26.69 8.95
C GLY C 220 -52.30 27.17 10.05
N LYS C 221 -52.51 28.40 10.53
CA LYS C 221 -51.67 28.98 11.59
C LYS C 221 -51.89 28.19 12.88
N LEU C 222 -50.83 27.99 13.65
CA LEU C 222 -50.91 27.23 14.92
C LEU C 222 -51.48 28.11 16.02
N GLY C 223 -51.29 29.41 15.93
CA GLY C 223 -51.66 30.36 17.00
C GLY C 223 -50.87 30.08 18.27
N THR C 224 -51.53 30.21 19.41
CA THR C 224 -50.89 30.03 20.73
C THR C 224 -51.23 28.62 21.20
N LEU C 225 -50.22 27.82 21.54
CA LEU C 225 -50.45 26.46 22.10
C LEU C 225 -50.44 26.57 23.63
N TYR C 226 -51.14 25.68 24.30
CA TYR C 226 -51.14 25.59 25.78
C TYR C 226 -50.77 24.16 26.17
N LEU C 227 -49.53 23.95 26.63
CA LEU C 227 -48.96 22.60 26.85
C LEU C 227 -48.55 22.42 28.31
N PRO C 228 -48.64 21.19 28.85
CA PRO C 228 -48.32 20.96 30.27
C PRO C 228 -46.84 21.26 30.53
N ASP C 229 -46.62 22.22 31.43
CA ASP C 229 -45.29 22.81 31.73
C ASP C 229 -44.57 23.17 30.42
N GLY C 230 -45.32 23.61 29.41
CA GLY C 230 -44.78 24.16 28.16
C GLY C 230 -44.06 23.13 27.31
N ILE C 231 -44.44 21.85 27.39
CA ILE C 231 -43.85 20.82 26.48
C ILE C 231 -44.94 19.86 26.00
N ALA C 232 -44.80 19.40 24.77
CA ALA C 232 -45.64 18.34 24.19
C ALA C 232 -44.84 17.69 23.07
N VAL C 233 -45.13 16.43 22.76
CA VAL C 233 -44.43 15.67 21.69
C VAL C 233 -45.47 14.93 20.87
N HIS C 234 -45.07 14.52 19.66
CA HIS C 234 -45.90 13.68 18.79
C HIS C 234 -46.16 12.33 19.46
N VAL C 235 -47.36 11.83 19.31
CA VAL C 235 -47.73 10.45 19.69
C VAL C 235 -48.25 9.77 18.43
N SER C 236 -47.50 8.84 17.90
CA SER C 236 -47.90 8.11 16.67
C SER C 236 -48.82 6.96 17.09
N ARG C 237 -49.78 6.67 16.23
CA ARG C 237 -50.69 5.51 16.37
C ARG C 237 -50.49 4.62 15.14
N LYS C 238 -50.14 3.36 15.41
CA LYS C 238 -49.90 2.34 14.38
C LYS C 238 -50.68 1.09 14.78
N GLY C 239 -51.52 0.56 13.89
CA GLY C 239 -52.45 -0.53 14.25
C GLY C 239 -53.31 -0.13 15.45
N ASN C 240 -53.20 -0.81 16.58
CA ASN C 240 -53.95 -0.46 17.81
C ASN C 240 -53.02 0.12 18.88
N SER C 241 -51.80 0.47 18.50
CA SER C 241 -50.76 0.87 19.47
C SER C 241 -50.48 2.35 19.36
N MSE C 242 -49.93 2.92 20.41
CA MSE C 242 -49.44 4.31 20.41
C MSE C 242 -48.05 4.35 21.00
O MSE C 242 -47.67 3.43 21.74
CB MSE C 242 -50.48 5.19 21.12
CG MSE C 242 -50.45 5.12 22.60
SE MSE C 242 -52.13 5.94 23.26
CE MSE C 242 -52.29 7.58 22.33
N SER C 243 -47.29 5.35 20.63
CA SER C 243 -45.86 5.47 21.02
C SER C 243 -45.45 6.93 21.06
N LEU C 244 -44.74 7.35 22.11
CA LEU C 244 -44.07 8.67 22.13
C LEU C 244 -43.13 8.74 20.91
N GLU C 245 -43.14 9.87 20.22
CA GLU C 245 -42.28 10.09 19.02
C GLU C 245 -41.59 11.44 19.14
N ASN C 246 -40.50 11.62 18.40
CA ASN C 246 -39.78 12.92 18.33
C ASN C 246 -40.05 13.60 16.99
N GLY C 247 -41.08 13.18 16.24
CA GLY C 247 -41.46 13.81 14.96
C GLY C 247 -42.03 15.22 15.18
N ILE C 248 -42.61 15.46 16.37
CA ILE C 248 -42.96 16.84 16.82
C ILE C 248 -42.44 16.99 18.23
N ILE C 249 -41.72 18.09 18.50
CA ILE C 249 -41.34 18.50 19.88
C ILE C 249 -41.58 20.00 20.01
N ALA C 250 -42.45 20.38 20.94
CA ALA C 250 -42.75 21.80 21.23
C ALA C 250 -42.29 22.12 22.64
N VAL C 251 -41.41 23.11 22.78
CA VAL C 251 -40.99 23.63 24.12
C VAL C 251 -41.23 25.13 24.16
N ASN C 252 -41.65 25.62 25.31
CA ASN C 252 -41.98 27.06 25.48
C ASN C 252 -40.75 27.87 25.90
N ARG C 253 -39.62 27.23 26.20
CA ARG C 253 -38.42 27.94 26.70
C ARG C 253 -37.18 27.13 26.38
N SER C 254 -36.02 27.78 26.38
CA SER C 254 -34.70 27.14 26.26
C SER C 254 -34.45 26.26 27.50
N GLU C 255 -33.63 25.23 27.33
CA GLU C 255 -33.15 24.38 28.45
C GLU C 255 -34.38 23.86 29.22
N HIS C 256 -35.42 23.43 28.49
CA HIS C 256 -36.64 22.86 29.11
C HIS C 256 -36.25 21.70 30.00
N PRO C 257 -36.61 21.71 31.29
CA PRO C 257 -36.10 20.73 32.26
C PRO C 257 -36.38 19.27 31.89
N ALA C 258 -37.40 19.02 31.08
CA ALA C 258 -37.68 17.64 30.60
C ALA C 258 -36.61 17.22 29.57
N LEU C 259 -36.25 18.09 28.62
CA LEU C 259 -35.12 17.79 27.70
C LEU C 259 -33.81 17.81 28.47
N LYS C 260 -33.69 18.66 29.49
CA LYS C 260 -32.48 18.68 30.34
C LYS C 260 -32.37 17.34 31.05
N LYS C 261 -33.51 16.81 31.49
CA LYS C 261 -33.53 15.46 32.11
C LYS C 261 -33.06 14.42 31.08
N GLY C 262 -33.52 14.53 29.85
CA GLY C 262 -33.10 13.66 28.74
C GLY C 262 -31.60 13.68 28.53
N LEU C 263 -30.99 14.85 28.60
CA LEU C 263 -29.52 14.98 28.46
C LEU C 263 -28.81 14.38 29.67
N GLU C 264 -29.33 14.58 30.87
CA GLU C 264 -28.70 14.04 32.09
C GLU C 264 -28.73 12.51 32.01
N ILE C 265 -29.74 11.90 31.42
CA ILE C 265 -29.78 10.42 31.21
C ILE C 265 -28.66 10.05 30.21
N MSE C 266 -28.47 10.85 29.17
CA MSE C 266 -27.37 10.62 28.19
C MSE C 266 -26.01 10.70 28.91
O MSE C 266 -25.07 10.05 28.48
CB MSE C 266 -27.39 11.66 27.06
CG MSE C 266 -28.67 11.77 26.27
SE MSE C 266 -28.81 10.39 24.97
CE MSE C 266 -27.24 10.60 23.82
N HIS C 267 -25.88 11.53 29.94
CA HIS C 267 -24.61 11.77 30.67
C HIS C 267 -24.34 10.66 31.70
N SER C 268 -25.36 9.88 32.07
CA SER C 268 -25.25 8.83 33.11
C SER C 268 -25.41 7.40 32.55
N LYS C 269 -26.12 7.22 31.44
CA LYS C 269 -26.43 5.89 30.87
C LYS C 269 -25.38 5.53 29.83
N PRO C 270 -24.77 4.34 29.93
CA PRO C 270 -23.61 3.98 29.10
C PRO C 270 -23.90 3.99 27.58
N TYR C 271 -25.07 3.54 27.13
CA TYR C 271 -25.35 3.50 25.67
C TYR C 271 -26.63 4.28 25.34
N GLY C 272 -26.73 5.49 25.88
CA GLY C 272 -27.91 6.37 25.78
C GLY C 272 -28.32 6.62 24.34
N ASP C 273 -29.61 6.43 24.06
CA ASP C 273 -30.17 6.75 22.73
C ASP C 273 -30.85 8.13 22.78
N PRO C 274 -30.54 9.02 21.83
CA PRO C 274 -31.13 10.35 21.81
C PRO C 274 -32.67 10.34 21.77
N TYR C 275 -33.26 9.33 21.14
CA TYR C 275 -34.73 9.22 21.03
C TYR C 275 -35.31 8.55 22.29
N ILE C 276 -34.88 7.34 22.59
CA ILE C 276 -35.45 6.53 23.71
C ILE C 276 -35.15 7.23 25.04
N ASP C 277 -33.93 7.75 25.21
CA ASP C 277 -33.48 8.31 26.51
C ASP C 277 -33.57 9.83 26.51
N GLY C 278 -33.09 10.47 25.44
CA GLY C 278 -33.04 11.95 25.36
C GLY C 278 -34.43 12.56 25.34
N VAL C 279 -35.41 11.89 24.74
CA VAL C 279 -36.78 12.48 24.61
C VAL C 279 -37.77 11.67 25.46
N CYS C 280 -37.95 10.38 25.15
CA CYS C 280 -38.95 9.54 25.83
C CYS C 280 -38.55 9.40 27.30
N GLY C 281 -37.29 9.03 27.59
CA GLY C 281 -36.81 8.86 28.96
C GLY C 281 -36.91 10.16 29.73
N GLY C 282 -36.47 11.27 29.13
CA GLY C 282 -36.52 12.59 29.77
C GLY C 282 -37.93 12.98 30.17
N LEU C 283 -38.88 12.88 29.24
CA LEU C 283 -40.30 13.21 29.48
C LEU C 283 -40.84 12.33 30.60
N ARG C 284 -40.61 11.02 30.50
CA ARG C 284 -41.23 10.04 31.41
C ARG C 284 -40.68 10.32 32.80
N HIS C 285 -39.38 10.55 32.94
CA HIS C 285 -38.76 10.79 34.25
C HIS C 285 -39.30 12.10 34.82
N TYR C 286 -39.36 13.14 33.99
CA TYR C 286 -39.80 14.49 34.41
C TYR C 286 -41.24 14.48 34.97
N PHE C 287 -42.18 13.80 34.34
CA PHE C 287 -43.61 13.77 34.74
C PHE C 287 -43.94 12.54 35.59
N ASN C 288 -42.92 11.74 35.94
CA ASN C 288 -43.07 10.50 36.72
C ASN C 288 -44.04 9.54 36.01
N CYS C 289 -43.89 9.33 34.71
CA CYS C 289 -44.45 8.14 34.03
C CYS C 289 -43.46 6.99 34.24
N SER C 290 -43.41 6.47 35.46
CA SER C 290 -42.58 5.30 35.85
C SER C 290 -43.09 4.05 35.11
N ILE C 291 -42.42 2.92 35.31
CA ILE C 291 -42.82 1.64 34.66
C ILE C 291 -44.17 1.19 35.23
N ARG C 292 -44.49 1.57 36.48
CA ARG C 292 -45.76 1.19 37.19
C ARG C 292 -46.92 2.13 36.83
N HIS C 293 -46.73 3.10 35.91
CA HIS C 293 -47.77 4.08 35.50
C HIS C 293 -48.32 3.65 34.13
N ASN C 294 -49.49 4.20 33.76
CA ASN C 294 -50.18 3.92 32.49
C ASN C 294 -49.52 4.76 31.39
N TYR C 295 -48.77 4.09 30.51
CA TYR C 295 -48.11 4.69 29.32
C TYR C 295 -49.16 5.33 28.41
N GLU C 296 -50.32 4.69 28.25
CA GLU C 296 -51.41 5.20 27.39
C GLU C 296 -51.93 6.52 27.99
N GLU C 297 -52.09 6.59 29.30
CA GLU C 297 -52.56 7.83 29.97
C GLU C 297 -51.54 8.95 29.73
N PHE C 298 -50.24 8.65 29.84
CA PHE C 298 -49.16 9.64 29.63
C PHE C 298 -49.19 10.17 28.19
N CYS C 299 -49.40 9.29 27.22
CA CYS C 299 -49.47 9.66 25.78
C CYS C 299 -50.59 10.68 25.56
N ASN C 300 -51.77 10.40 26.10
CA ASN C 300 -52.94 11.30 25.95
C ASN C 300 -52.62 12.65 26.62
N PHE C 301 -51.93 12.62 27.75
CA PHE C 301 -51.59 13.84 28.53
C PHE C 301 -50.56 14.69 27.77
N ILE C 302 -49.51 14.06 27.22
CA ILE C 302 -48.36 14.81 26.67
C ILE C 302 -48.54 15.07 25.16
N GLU C 303 -49.55 14.49 24.52
CA GLU C 303 -49.62 14.48 23.05
C GLU C 303 -49.80 15.90 22.49
N PHE C 304 -49.03 16.25 21.46
CA PHE C 304 -49.22 17.49 20.66
C PHE C 304 -50.39 17.29 19.70
N LYS C 305 -51.46 18.05 19.87
CA LYS C 305 -52.69 17.96 19.04
C LYS C 305 -52.94 19.32 18.39
N HIS C 306 -53.23 19.35 17.09
CA HIS C 306 -53.61 20.60 16.39
C HIS C 306 -54.29 20.27 15.07
N GLU C 307 -55.43 20.90 14.81
CA GLU C 307 -56.28 20.64 13.62
C GLU C 307 -55.52 20.92 12.32
N HIS C 308 -54.53 21.82 12.33
CA HIS C 308 -53.84 22.30 11.11
C HIS C 308 -52.52 21.55 10.85
N ILE C 309 -52.17 20.57 11.70
CA ILE C 309 -51.05 19.65 11.41
C ILE C 309 -51.60 18.41 10.72
N PHE C 310 -51.11 18.12 9.53
CA PHE C 310 -51.61 17.00 8.68
C PHE C 310 -50.52 15.93 8.57
N MSE C 311 -50.85 14.66 8.84
CA MSE C 311 -49.89 13.52 8.67
C MSE C 311 -49.65 13.29 7.17
O MSE C 311 -50.52 13.64 6.33
CB MSE C 311 -50.41 12.25 9.34
CG MSE C 311 -50.84 12.44 10.79
SE MSE C 311 -49.36 12.78 12.04
CE MSE C 311 -49.03 14.71 11.90
N ASP C 312 -48.47 12.77 6.87
CA ASP C 312 -48.03 12.41 5.51
C ASP C 312 -49.05 11.44 4.91
N THR C 313 -49.44 11.69 3.67
CA THR C 313 -50.42 10.85 2.91
C THR C 313 -49.68 9.92 1.93
N SER C 314 -48.49 10.32 1.44
CA SER C 314 -47.75 9.63 0.35
C SER C 314 -47.40 8.19 0.73
N SER C 315 -47.08 7.96 2.01
CA SER C 315 -46.89 6.61 2.63
C SER C 315 -47.95 5.63 2.12
N LEU C 316 -49.23 6.02 2.18
CA LEU C 316 -50.42 5.12 2.21
C LEU C 316 -50.61 4.46 0.83
N THR C 317 -51.37 3.35 0.77
CA THR C 317 -51.76 2.57 -0.44
C THR C 317 -53.18 1.98 -0.22
N ILE C 318 -53.55 0.82 -0.83
CA ILE C 318 -54.73 -0.01 -0.40
C ILE C 318 -54.50 -0.42 1.07
N SER D 13 50.60 0.02 -34.33
CA SER D 13 50.42 1.33 -33.65
C SER D 13 50.65 1.19 -32.14
N SER D 14 50.12 0.14 -31.49
CA SER D 14 50.31 -0.11 -30.04
C SER D 14 50.53 -1.61 -29.71
N GLY D 15 51.00 -2.39 -30.69
CA GLY D 15 51.30 -3.83 -30.54
C GLY D 15 50.58 -4.69 -31.56
N SER D 16 51.02 -5.93 -31.74
CA SER D 16 50.42 -6.87 -32.72
C SER D 16 50.68 -8.32 -32.27
N ALA D 17 49.68 -9.19 -32.48
CA ALA D 17 49.74 -10.63 -32.17
C ALA D 17 49.30 -11.42 -33.40
N ASN D 18 49.92 -12.58 -33.62
CA ASN D 18 49.71 -13.40 -34.84
C ASN D 18 49.07 -14.74 -34.46
N PHE D 19 48.01 -15.14 -35.16
CA PHE D 19 47.45 -16.50 -35.08
C PHE D 19 46.90 -16.91 -36.45
N ALA D 20 47.29 -18.11 -36.91
CA ALA D 20 46.84 -18.71 -38.19
C ALA D 20 47.10 -17.74 -39.35
N GLY D 21 48.31 -17.20 -39.40
CA GLY D 21 48.77 -16.24 -40.44
C GLY D 21 47.89 -15.01 -40.56
N VAL D 22 47.31 -14.53 -39.46
CA VAL D 22 46.53 -13.27 -39.43
C VAL D 22 47.07 -12.41 -38.28
N GLU D 23 47.34 -11.15 -38.56
CA GLU D 23 47.81 -10.16 -37.55
C GLU D 23 46.61 -9.57 -36.82
N TYR D 24 46.69 -9.51 -35.51
CA TYR D 24 45.64 -8.92 -34.66
C TYR D 24 46.28 -7.82 -33.83
N PRO D 25 45.84 -6.57 -33.99
CA PRO D 25 46.33 -5.50 -33.14
C PRO D 25 46.00 -5.74 -31.66
N LEU D 26 46.99 -5.53 -30.79
CA LEU D 26 46.78 -5.49 -29.33
C LEU D 26 46.03 -4.20 -28.96
N LEU D 27 44.76 -4.32 -28.61
CA LEU D 27 43.94 -3.15 -28.26
C LEU D 27 43.97 -2.96 -26.75
N PRO D 28 44.08 -1.70 -26.28
CA PRO D 28 44.18 -1.43 -24.85
C PRO D 28 42.85 -1.53 -24.10
N LEU D 29 42.90 -2.06 -22.88
CA LEU D 29 41.80 -1.93 -21.89
C LEU D 29 42.32 -1.01 -20.80
N ASP D 30 41.82 0.23 -20.76
CA ASP D 30 42.36 1.28 -19.87
C ASP D 30 42.15 0.85 -18.42
N GLN D 31 42.87 1.52 -17.52
CA GLN D 31 42.90 1.19 -16.07
C GLN D 31 41.56 1.51 -15.41
N HIS D 32 40.58 2.00 -16.15
CA HIS D 32 39.22 2.24 -15.59
C HIS D 32 38.21 1.22 -16.14
N THR D 33 38.62 0.28 -16.99
CA THR D 33 37.76 -0.86 -17.37
C THR D 33 37.27 -1.51 -16.07
N PRO D 34 35.93 -1.61 -15.86
CA PRO D 34 35.46 -2.22 -14.63
C PRO D 34 35.81 -3.71 -14.51
N LEU D 35 35.97 -4.16 -13.27
CA LEU D 35 36.05 -5.59 -12.90
C LEU D 35 34.66 -6.11 -12.60
N LEU D 36 34.43 -7.38 -12.93
CA LEU D 36 33.13 -8.01 -12.68
C LEU D 36 33.36 -9.35 -11.98
N PHE D 37 32.69 -9.51 -10.84
CA PHE D 37 32.51 -10.79 -10.12
C PHE D 37 31.03 -11.15 -10.22
N GLN D 38 30.74 -12.44 -10.05
CA GLN D 38 29.39 -13.02 -10.19
C GLN D 38 29.11 -13.89 -8.95
N TRP D 39 28.02 -13.65 -8.27
CA TRP D 39 27.57 -14.56 -7.20
C TRP D 39 26.08 -14.83 -7.37
N PHE D 40 25.76 -16.00 -7.92
CA PHE D 40 24.37 -16.49 -8.04
C PHE D 40 24.16 -17.52 -6.95
N GLU D 41 23.31 -17.21 -5.98
CA GLU D 41 23.10 -18.05 -4.78
C GLU D 41 21.77 -18.78 -4.94
N ARG D 42 21.82 -20.10 -4.87
CA ARG D 42 20.62 -20.97 -4.97
C ARG D 42 19.90 -21.00 -3.63
N ASN D 43 20.67 -21.08 -2.53
CA ASN D 43 20.16 -21.24 -1.15
C ASN D 43 20.68 -20.10 -0.28
N PRO D 44 20.07 -18.90 -0.34
CA PRO D 44 20.52 -17.77 0.47
C PRO D 44 20.27 -17.97 1.97
N SER D 45 19.32 -18.83 2.32
CA SER D 45 18.96 -19.14 3.73
C SER D 45 20.15 -19.79 4.45
N ARG D 46 21.10 -20.39 3.73
CA ARG D 46 22.31 -20.95 4.39
C ARG D 46 23.14 -19.85 5.05
N PHE D 47 22.95 -18.58 4.67
CA PHE D 47 23.63 -17.43 5.30
C PHE D 47 22.68 -16.78 6.32
N GLY D 48 23.23 -16.12 7.34
CA GLY D 48 22.45 -15.34 8.31
C GLY D 48 21.54 -14.34 7.62
N GLU D 49 20.42 -14.00 8.26
CA GLU D 49 19.44 -13.06 7.66
C GLU D 49 20.01 -11.65 7.54
N ASN D 50 21.13 -11.36 8.21
CA ASN D 50 21.75 -10.01 8.20
C ASN D 50 23.19 -10.10 7.72
N GLN D 51 23.56 -11.20 7.05
CA GLN D 51 24.93 -11.40 6.55
C GLN D 51 24.94 -11.13 5.04
N ILE D 52 26.08 -10.67 4.53
CA ILE D 52 26.33 -10.59 3.07
C ILE D 52 26.21 -12.02 2.54
N PRO D 53 25.22 -12.29 1.66
CA PRO D 53 24.98 -13.65 1.17
C PRO D 53 25.99 -14.11 0.10
N ILE D 54 27.28 -13.92 0.39
CA ILE D 54 28.39 -14.41 -0.47
C ILE D 54 29.26 -15.32 0.38
N ILE D 55 29.68 -16.45 -0.19
CA ILE D 55 30.49 -17.45 0.55
C ILE D 55 31.78 -16.78 1.01
N ASN D 56 32.21 -17.03 2.24
CA ASN D 56 33.43 -16.43 2.79
C ASN D 56 34.03 -17.35 3.85
N THR D 57 34.31 -18.60 3.49
CA THR D 57 35.02 -19.56 4.37
C THR D 57 36.51 -19.49 4.08
N GLN D 58 37.34 -20.21 4.85
CA GLN D 58 38.80 -20.27 4.59
C GLN D 58 39.06 -21.14 3.37
N GLN D 59 38.14 -22.05 3.04
CA GLN D 59 38.26 -22.86 1.81
C GLN D 59 37.88 -21.99 0.61
N ASN D 60 36.84 -21.15 0.77
CA ASN D 60 36.31 -20.29 -0.33
C ASN D 60 36.13 -18.87 0.21
N PRO D 61 37.22 -18.09 0.34
CA PRO D 61 37.13 -16.72 0.85
C PRO D 61 36.76 -15.71 -0.25
N TYR D 62 35.60 -15.91 -0.86
CA TYR D 62 35.20 -15.19 -2.10
C TYR D 62 34.93 -13.73 -1.76
N LEU D 63 34.20 -13.47 -0.66
CA LEU D 63 33.91 -12.08 -0.26
C LEU D 63 35.22 -11.34 0.04
N ASN D 64 36.15 -11.99 0.74
CA ASN D 64 37.47 -11.39 1.04
C ASN D 64 38.22 -11.12 -0.28
N ASN D 65 38.17 -12.04 -1.24
CA ASN D 65 38.89 -11.88 -2.53
C ASN D 65 38.32 -10.67 -3.28
N ILE D 66 37.00 -10.45 -3.19
CA ILE D 66 36.33 -9.33 -3.89
C ILE D 66 36.77 -8.02 -3.23
N ILE D 67 36.77 -8.01 -1.91
CA ILE D 67 37.17 -6.80 -1.14
C ILE D 67 38.65 -6.49 -1.41
N ASN D 68 39.50 -7.52 -1.36
CA ASN D 68 40.95 -7.33 -1.57
C ASN D 68 41.18 -6.71 -2.96
N ALA D 69 40.38 -7.10 -3.97
CA ALA D 69 40.51 -6.55 -5.34
C ALA D 69 40.06 -5.09 -5.31
N ALA D 70 39.01 -4.77 -4.55
CA ALA D 70 38.48 -3.39 -4.47
C ALA D 70 39.48 -2.50 -3.71
N ILE D 71 40.17 -3.04 -2.71
CA ILE D 71 41.20 -2.30 -1.94
C ILE D 71 42.38 -1.99 -2.88
N ILE D 72 42.83 -2.98 -3.66
CA ILE D 72 44.00 -2.77 -4.56
C ILE D 72 43.63 -1.77 -5.66
N GLU D 73 42.49 -1.96 -6.30
CA GLU D 73 42.06 -1.20 -7.49
C GLU D 73 41.11 -0.10 -7.01
N LYS D 74 41.66 0.94 -6.40
CA LYS D 74 40.90 2.03 -5.75
C LYS D 74 40.12 2.81 -6.82
N GLU D 75 40.75 3.15 -7.96
CA GLU D 75 40.15 4.04 -8.99
C GLU D 75 39.08 3.30 -9.79
N ARG D 76 39.16 1.97 -9.84
CA ARG D 76 38.39 1.14 -10.80
C ARG D 76 37.05 0.74 -10.19
N THR D 77 36.01 0.81 -11.00
CA THR D 77 34.68 0.28 -10.63
C THR D 77 34.74 -1.25 -10.50
N ILE D 78 34.27 -1.77 -9.38
CA ILE D 78 34.23 -3.22 -9.10
C ILE D 78 32.77 -3.66 -9.06
N GLY D 79 32.35 -4.42 -10.07
CA GLY D 79 30.98 -4.94 -10.19
C GLY D 79 30.84 -6.30 -9.53
N VAL D 80 29.73 -6.49 -8.82
CA VAL D 80 29.32 -7.82 -8.28
C VAL D 80 27.91 -8.08 -8.79
N LEU D 81 27.80 -8.94 -9.82
CA LEU D 81 26.49 -9.34 -10.40
C LEU D 81 25.92 -10.45 -9.52
N VAL D 82 24.82 -10.16 -8.84
CA VAL D 82 24.19 -11.13 -7.89
C VAL D 82 22.82 -11.55 -8.43
N ASP D 83 22.36 -12.70 -7.96
CA ASP D 83 20.99 -13.22 -8.21
C ASP D 83 20.63 -14.20 -7.10
N GLY D 84 19.34 -14.35 -6.83
CA GLY D 84 18.84 -15.26 -5.80
C GLY D 84 17.77 -14.61 -4.94
N ASN D 85 17.10 -15.41 -4.12
CA ASN D 85 15.96 -14.97 -3.29
C ASN D 85 16.49 -14.48 -1.95
N PHE D 86 17.17 -13.35 -1.94
CA PHE D 86 17.81 -12.79 -0.73
C PHE D 86 16.75 -12.18 0.18
N SER D 87 16.90 -12.36 1.50
CA SER D 87 16.07 -11.72 2.54
C SER D 87 16.33 -10.22 2.53
N ALA D 88 15.40 -9.45 3.10
CA ALA D 88 15.49 -7.97 3.21
C ALA D 88 16.79 -7.58 3.93
N GLY D 89 17.18 -8.33 4.96
CA GLY D 89 18.39 -8.04 5.75
C GLY D 89 19.66 -8.34 4.95
N GLN D 90 19.62 -9.34 4.10
CA GLN D 90 20.79 -9.71 3.26
C GLN D 90 20.99 -8.65 2.17
N LYS D 91 19.90 -8.06 1.66
CA LYS D 91 20.00 -6.99 0.64
C LYS D 91 20.56 -5.72 1.30
N LYS D 92 20.21 -5.46 2.57
CA LYS D 92 20.73 -4.27 3.30
C LYS D 92 22.22 -4.47 3.54
N ALA D 93 22.65 -5.70 3.85
CA ALA D 93 24.08 -6.03 4.05
C ALA D 93 24.84 -5.81 2.73
N LEU D 94 24.21 -6.15 1.60
CA LEU D 94 24.82 -5.88 0.27
C LEU D 94 24.82 -4.38 0.02
N ALA D 95 23.76 -3.68 0.41
CA ALA D 95 23.66 -2.21 0.26
C ALA D 95 24.75 -1.55 1.13
N LYS D 96 25.03 -2.11 2.30
CA LYS D 96 26.06 -1.60 3.24
C LYS D 96 27.46 -1.86 2.68
N LEU D 97 27.65 -2.97 1.99
CA LEU D 97 28.97 -3.27 1.36
C LEU D 97 29.30 -2.19 0.32
N GLU D 98 28.31 -1.73 -0.46
CA GLU D 98 28.50 -0.69 -1.49
C GLU D 98 28.85 0.63 -0.80
N LYS D 99 28.55 0.75 0.49
CA LYS D 99 28.81 1.99 1.28
C LYS D 99 30.21 1.93 1.87
N GLN D 100 30.65 0.79 2.38
CA GLN D 100 32.01 0.66 2.98
C GLN D 100 33.09 0.77 1.90
N TYR D 101 32.79 0.42 0.64
CA TYR D 101 33.73 0.39 -0.50
C TYR D 101 33.08 1.11 -1.68
N GLU D 102 33.43 2.38 -1.88
CA GLU D 102 32.76 3.27 -2.87
C GLU D 102 32.80 2.61 -4.26
N ASN D 103 33.90 1.93 -4.61
CA ASN D 103 34.10 1.41 -5.98
C ASN D 103 33.37 0.07 -6.19
N ILE D 104 32.82 -0.53 -5.13
CA ILE D 104 32.00 -1.77 -5.28
C ILE D 104 30.55 -1.40 -5.63
N LYS D 105 30.07 -1.95 -6.74
CA LYS D 105 28.67 -1.77 -7.20
C LYS D 105 28.01 -3.14 -7.23
N VAL D 106 26.97 -3.32 -6.45
CA VAL D 106 26.15 -4.57 -6.45
C VAL D 106 25.06 -4.41 -7.50
N ILE D 107 25.08 -5.26 -8.53
CA ILE D 107 24.04 -5.28 -9.57
C ILE D 107 23.23 -6.57 -9.42
N TYR D 108 21.93 -6.44 -9.26
CA TYR D 108 20.98 -7.57 -9.29
C TYR D 108 20.71 -7.94 -10.75
N ASN D 109 20.92 -9.21 -11.11
CA ASN D 109 20.70 -9.73 -12.48
C ASN D 109 19.27 -9.42 -12.95
N SER D 110 18.29 -9.49 -12.04
CA SER D 110 16.87 -9.23 -12.36
C SER D 110 16.64 -7.77 -12.76
N ASP D 111 17.54 -6.84 -12.44
CA ASP D 111 17.35 -5.41 -12.81
C ASP D 111 17.86 -5.16 -14.24
N LEU D 112 18.44 -6.14 -14.93
CA LEU D 112 18.91 -5.92 -16.34
C LEU D 112 17.92 -6.52 -17.34
N ASP D 113 17.81 -5.88 -18.51
CA ASP D 113 16.93 -6.37 -19.59
C ASP D 113 17.79 -7.09 -20.63
N TYR D 114 17.62 -8.42 -20.72
CA TYR D 114 18.37 -9.25 -21.68
C TYR D 114 17.54 -9.62 -22.89
N SER D 115 16.36 -9.02 -23.09
CA SER D 115 15.38 -9.47 -24.11
C SER D 115 15.94 -9.28 -25.53
N MSE D 116 16.87 -8.36 -25.74
CA MSE D 116 17.48 -8.09 -27.08
C MSE D 116 18.43 -9.23 -27.49
O MSE D 116 18.81 -9.28 -28.67
CB MSE D 116 18.22 -6.75 -27.12
CG MSE D 116 19.54 -6.67 -26.30
SE MSE D 116 19.21 -6.56 -24.36
CE MSE D 116 17.92 -5.02 -24.28
N TYR D 117 18.83 -10.08 -26.54
CA TYR D 117 19.72 -11.24 -26.82
C TYR D 117 18.92 -12.54 -26.87
N ASP D 118 17.60 -12.47 -26.69
CA ASP D 118 16.77 -13.68 -26.50
C ASP D 118 16.28 -14.17 -27.85
N LYS D 119 15.80 -15.41 -27.87
CA LYS D 119 15.24 -16.06 -29.09
C LYS D 119 14.32 -17.19 -28.64
N LYS D 120 13.21 -17.39 -29.35
CA LYS D 120 12.23 -18.44 -28.99
C LYS D 120 12.80 -19.82 -29.37
N LEU D 121 12.66 -20.78 -28.47
CA LEU D 121 13.14 -22.18 -28.72
C LEU D 121 12.41 -22.76 -29.93
N SER D 122 11.12 -22.49 -30.09
CA SER D 122 10.35 -23.00 -31.24
C SER D 122 10.97 -22.51 -32.56
N ASP D 123 11.49 -21.28 -32.56
CA ASP D 123 12.13 -20.71 -33.77
C ASP D 123 13.44 -21.45 -34.06
N ILE D 124 14.24 -21.75 -33.05
CA ILE D 124 15.55 -22.45 -33.21
C ILE D 124 15.29 -23.85 -33.75
N TYR D 125 14.33 -24.56 -33.17
CA TYR D 125 14.02 -25.96 -33.56
C TYR D 125 13.50 -26.01 -35.00
N LEU D 126 12.59 -25.12 -35.35
CA LEU D 126 12.02 -25.11 -36.73
C LEU D 126 13.12 -24.81 -37.74
N GLU D 127 14.00 -23.88 -37.44
CA GLU D 127 15.13 -23.54 -38.36
C GLU D 127 15.97 -24.81 -38.59
N ASN D 128 16.24 -25.56 -37.53
CA ASN D 128 17.15 -26.73 -37.63
C ASN D 128 16.45 -27.89 -38.33
N ILE D 129 15.14 -28.04 -38.11
CA ILE D 129 14.33 -29.08 -38.80
C ILE D 129 14.38 -28.80 -40.29
N ALA D 130 14.22 -27.54 -40.70
CA ALA D 130 14.27 -27.14 -42.11
C ALA D 130 15.69 -27.31 -42.64
N LYS D 131 16.72 -26.96 -41.87
CA LYS D 131 18.14 -27.03 -42.33
C LYS D 131 18.48 -28.51 -42.59
N ILE D 132 18.17 -29.38 -41.64
CA ILE D 132 18.56 -30.81 -41.68
C ILE D 132 17.81 -31.49 -42.83
N GLU D 133 16.54 -31.15 -43.05
CA GLU D 133 15.68 -31.77 -44.06
C GLU D 133 16.10 -31.38 -45.48
N ALA D 134 16.78 -30.25 -45.66
CA ALA D 134 17.31 -29.81 -46.98
C ALA D 134 18.49 -30.69 -47.36
N GLN D 135 19.29 -31.14 -46.38
CA GLN D 135 20.49 -31.98 -46.61
C GLN D 135 20.04 -33.28 -47.29
N PRO D 136 20.89 -33.93 -48.11
CA PRO D 136 20.63 -35.29 -48.58
C PRO D 136 20.65 -36.32 -47.44
N ALA D 137 20.02 -37.49 -47.62
CA ALA D 137 19.85 -38.56 -46.59
C ALA D 137 21.18 -39.14 -46.10
N ASN D 138 22.23 -39.09 -46.92
CA ASN D 138 23.55 -39.73 -46.63
C ASN D 138 24.39 -38.83 -45.70
N VAL D 139 23.99 -37.58 -45.46
CA VAL D 139 24.75 -36.63 -44.58
C VAL D 139 23.89 -36.14 -43.40
N ARG D 140 22.60 -36.45 -43.38
CA ARG D 140 21.64 -36.00 -42.33
C ARG D 140 21.95 -36.64 -40.98
N ASP D 141 22.05 -35.84 -39.92
CA ASP D 141 22.05 -36.32 -38.52
C ASP D 141 20.61 -36.71 -38.16
N GLU D 142 20.24 -37.94 -38.51
CA GLU D 142 18.88 -38.50 -38.31
C GLU D 142 18.56 -38.58 -36.83
N TYR D 143 19.53 -38.90 -35.98
CA TYR D 143 19.27 -38.94 -34.52
C TYR D 143 18.92 -37.53 -34.03
N LEU D 144 19.69 -36.54 -34.47
CA LEU D 144 19.53 -35.15 -33.98
C LEU D 144 18.18 -34.60 -34.44
N LEU D 145 17.79 -34.91 -35.68
CA LEU D 145 16.49 -34.43 -36.23
C LEU D 145 15.34 -34.93 -35.34
N GLY D 146 15.35 -36.22 -34.98
CA GLY D 146 14.34 -36.81 -34.08
C GLY D 146 14.32 -36.13 -32.72
N GLU D 147 15.51 -35.84 -32.19
CA GLU D 147 15.66 -35.20 -30.86
C GLU D 147 15.10 -33.77 -30.89
N ILE D 148 15.38 -33.04 -31.94
CA ILE D 148 14.89 -31.64 -32.09
C ILE D 148 13.36 -31.67 -32.17
N LYS D 149 12.82 -32.54 -33.01
CA LYS D 149 11.35 -32.67 -33.17
C LYS D 149 10.75 -33.03 -31.82
N LYS D 150 11.45 -33.86 -31.06
CA LYS D 150 10.99 -34.24 -29.71
C LYS D 150 11.01 -32.99 -28.81
N SER D 151 12.09 -32.21 -28.83
CA SER D 151 12.25 -30.97 -28.03
C SER D 151 11.13 -29.98 -28.41
N LEU D 152 10.88 -29.81 -29.70
CA LEU D 152 9.82 -28.88 -30.19
C LEU D 152 8.45 -29.33 -29.65
N ASN D 153 8.17 -30.62 -29.72
CA ASN D 153 6.86 -31.16 -29.29
C ASN D 153 6.66 -30.84 -27.81
N GLU D 154 7.70 -30.98 -26.99
CA GLU D 154 7.54 -30.74 -25.54
C GLU D 154 7.35 -29.26 -25.28
N VAL D 155 7.93 -28.39 -26.12
CA VAL D 155 7.75 -26.93 -25.98
C VAL D 155 6.29 -26.61 -26.31
N LEU D 156 5.78 -27.13 -27.42
CA LEU D 156 4.39 -26.83 -27.87
C LEU D 156 3.38 -27.41 -26.86
N LYS D 157 3.77 -28.42 -26.09
CA LYS D 157 2.84 -29.05 -25.12
C LYS D 157 2.96 -28.44 -23.72
N ASN D 158 4.05 -27.76 -23.39
CA ASN D 158 4.30 -27.34 -21.98
C ASN D 158 4.49 -25.82 -21.88
N ASN D 159 5.14 -25.19 -22.85
CA ASN D 159 5.53 -23.75 -22.79
C ASN D 159 5.91 -23.28 -24.18
N PRO D 160 4.92 -22.99 -25.06
CA PRO D 160 5.22 -22.67 -26.46
C PRO D 160 6.02 -21.37 -26.67
N GLU D 161 6.03 -20.50 -25.66
CA GLU D 161 6.79 -19.21 -25.69
C GLU D 161 8.17 -19.39 -25.04
N GLU D 162 8.58 -20.61 -24.67
CA GLU D 162 9.90 -20.83 -24.03
C GLU D 162 11.01 -20.27 -24.93
N SER D 163 11.92 -19.53 -24.32
CA SER D 163 13.06 -18.89 -25.02
C SER D 163 14.38 -19.31 -24.35
N LEU D 164 15.48 -18.94 -24.98
CA LEU D 164 16.83 -19.18 -24.43
C LEU D 164 16.90 -18.63 -23.00
N VAL D 165 16.36 -17.43 -22.76
CA VAL D 165 16.45 -16.79 -21.42
C VAL D 165 15.56 -17.56 -20.43
N SER D 166 14.31 -17.81 -20.77
CA SER D 166 13.34 -18.48 -19.86
C SER D 166 13.81 -19.92 -19.60
N SER D 167 14.28 -20.64 -20.62
CA SER D 167 14.79 -22.02 -20.46
C SER D 167 16.04 -22.01 -19.59
N HIS D 168 16.98 -21.09 -19.83
CA HIS D 168 18.23 -21.02 -19.01
C HIS D 168 17.89 -20.50 -17.60
N ASP D 169 16.81 -19.75 -17.46
CA ASP D 169 16.35 -19.24 -16.15
C ASP D 169 15.95 -20.40 -15.23
N LYS D 170 15.53 -21.53 -15.80
CA LYS D 170 15.05 -22.71 -15.04
C LYS D 170 16.19 -23.67 -14.69
N ARG D 171 17.30 -23.67 -15.44
CA ARG D 171 18.42 -24.62 -15.25
C ARG D 171 19.04 -24.34 -13.88
N LEU D 172 19.82 -25.30 -13.38
CA LEU D 172 20.51 -25.17 -12.07
C LEU D 172 22.02 -25.25 -12.32
N GLY D 173 22.80 -24.62 -11.45
CA GLY D 173 24.26 -24.65 -11.50
C GLY D 173 24.85 -23.75 -12.58
N HIS D 174 26.01 -24.16 -13.08
CA HIS D 174 26.96 -23.28 -13.78
C HIS D 174 26.37 -22.85 -15.13
N VAL D 175 25.54 -23.66 -15.77
CA VAL D 175 25.04 -23.35 -17.14
C VAL D 175 24.23 -22.05 -17.09
N ARG D 176 23.52 -21.76 -16.00
CA ARG D 176 22.77 -20.49 -15.91
C ARG D 176 23.71 -19.33 -15.54
N PHE D 177 24.71 -19.56 -14.68
CA PHE D 177 25.74 -18.53 -14.39
C PHE D 177 26.44 -18.14 -15.69
N ASP D 178 26.92 -19.14 -16.43
CA ASP D 178 27.69 -18.93 -17.70
C ASP D 178 26.83 -18.17 -18.70
N PHE D 179 25.54 -18.44 -18.75
CA PHE D 179 24.61 -17.84 -19.74
C PHE D 179 24.55 -16.33 -19.50
N TYR D 180 24.29 -15.93 -18.26
CA TYR D 180 24.15 -14.49 -17.92
C TYR D 180 25.51 -13.79 -17.92
N ARG D 181 26.59 -14.51 -17.63
CA ARG D 181 27.96 -13.95 -17.67
C ARG D 181 28.22 -13.43 -19.09
N ASN D 182 27.91 -14.24 -20.10
CA ASN D 182 28.15 -13.85 -21.51
C ASN D 182 27.32 -12.61 -21.85
N LEU D 183 26.07 -12.58 -21.40
CA LEU D 183 25.14 -11.50 -21.80
C LEU D 183 25.55 -10.20 -21.10
N PHE D 184 25.93 -10.26 -19.83
CA PHE D 184 26.46 -9.06 -19.12
C PHE D 184 27.67 -8.50 -19.87
N LEU D 185 28.60 -9.37 -20.28
CA LEU D 185 29.84 -8.90 -20.96
C LEU D 185 29.51 -8.32 -22.34
N LEU D 186 28.42 -8.75 -22.97
CA LEU D 186 27.98 -8.12 -24.24
C LEU D 186 27.47 -6.71 -23.96
N LYS D 187 26.83 -6.47 -22.83
CA LYS D 187 26.44 -5.10 -22.41
C LYS D 187 27.71 -4.31 -22.08
N GLY D 188 28.73 -4.98 -21.55
CA GLY D 188 29.94 -4.34 -21.05
C GLY D 188 29.66 -3.29 -19.97
N SER D 189 30.37 -2.16 -20.05
CA SER D 189 30.25 -1.00 -19.12
C SER D 189 28.82 -0.48 -19.07
N ASN D 190 28.07 -0.54 -20.17
CA ASN D 190 26.64 -0.10 -20.26
C ASN D 190 25.82 -0.72 -19.14
N ALA D 191 26.14 -1.95 -18.73
CA ALA D 191 25.33 -2.69 -17.74
C ALA D 191 25.30 -1.94 -16.40
N PHE D 192 26.41 -1.31 -16.02
CA PHE D 192 26.48 -0.50 -14.78
C PHE D 192 25.57 0.74 -14.94
N LEU D 193 25.56 1.33 -16.13
CA LEU D 193 24.73 2.53 -16.41
C LEU D 193 23.27 2.12 -16.46
N GLU D 194 22.95 1.00 -17.11
CA GLU D 194 21.57 0.47 -17.22
C GLU D 194 21.04 0.21 -15.80
N ALA D 195 21.85 -0.40 -14.94
CA ALA D 195 21.45 -0.76 -13.55
C ALA D 195 21.35 0.48 -12.66
N GLY D 196 21.74 1.67 -13.14
CA GLY D 196 21.66 2.90 -12.34
C GLY D 196 22.66 2.94 -11.20
N LYS D 197 23.89 2.52 -11.46
CA LYS D 197 25.05 2.69 -10.54
C LYS D 197 25.66 4.09 -10.74
N HIS D 198 25.61 4.88 -9.67
CA HIS D 198 26.07 6.28 -9.63
C HIS D 198 27.56 6.32 -9.25
N GLY D 199 28.26 7.35 -9.71
CA GLY D 199 29.66 7.60 -9.36
C GLY D 199 30.62 6.60 -9.98
N CYS D 200 30.29 6.01 -11.13
CA CYS D 200 31.22 5.14 -11.87
C CYS D 200 32.21 5.99 -12.66
N HIS D 201 33.42 6.08 -12.13
CA HIS D 201 34.53 6.94 -12.60
C HIS D 201 35.03 6.49 -13.98
N HIS D 202 34.94 7.37 -14.97
CA HIS D 202 35.51 7.18 -16.33
C HIS D 202 34.77 6.04 -17.04
N LEU D 203 33.63 5.62 -16.50
CA LEU D 203 32.90 4.47 -17.10
C LEU D 203 32.12 4.96 -18.34
N GLN D 204 32.48 4.45 -19.51
CA GLN D 204 31.91 4.98 -20.76
C GLN D 204 30.90 4.01 -21.34
N PRO D 205 29.81 4.50 -21.94
CA PRO D 205 28.95 3.66 -22.78
C PRO D 205 29.76 3.10 -23.96
N GLY D 206 29.50 1.86 -24.32
CA GLY D 206 30.30 1.10 -25.30
C GLY D 206 31.57 0.53 -24.67
N GLY D 207 31.86 0.84 -23.40
CA GLY D 207 33.09 0.37 -22.74
C GLY D 207 33.07 -1.12 -22.48
N GLY D 208 34.26 -1.68 -22.25
CA GLY D 208 34.44 -3.10 -21.96
C GLY D 208 34.27 -3.43 -20.48
N CYS D 209 34.80 -4.59 -20.09
CA CYS D 209 34.59 -5.19 -18.76
C CYS D 209 35.58 -6.34 -18.63
N ILE D 210 35.98 -6.66 -17.40
CA ILE D 210 36.90 -7.80 -17.13
C ILE D 210 36.21 -8.68 -16.10
N TYR D 211 35.73 -9.85 -16.52
CA TYR D 211 35.17 -10.86 -15.59
C TYR D 211 36.33 -11.61 -14.93
N LEU D 212 36.24 -11.80 -13.60
CA LEU D 212 37.18 -12.63 -12.83
C LEU D 212 36.39 -13.59 -11.95
N ASP D 213 36.79 -14.86 -11.91
CA ASP D 213 36.25 -15.83 -10.94
C ASP D 213 36.64 -15.33 -9.54
N ALA D 214 35.74 -15.53 -8.59
CA ALA D 214 35.91 -14.98 -7.22
C ALA D 214 36.95 -15.80 -6.46
N ASP D 215 37.31 -17.00 -6.91
CA ASP D 215 38.34 -17.82 -6.21
C ASP D 215 39.75 -17.33 -6.59
N MSE D 216 39.85 -16.34 -7.48
CA MSE D 216 41.17 -15.80 -7.91
C MSE D 216 41.47 -14.51 -7.15
O MSE D 216 40.54 -13.69 -6.90
CB MSE D 216 41.19 -15.53 -9.40
CG MSE D 216 41.20 -16.80 -10.16
SE MSE D 216 41.11 -16.37 -12.01
CE MSE D 216 41.00 -18.16 -12.77
N LEU D 217 42.73 -14.37 -6.75
CA LEU D 217 43.16 -13.27 -5.88
C LEU D 217 43.91 -12.27 -6.74
N LEU D 218 43.42 -11.04 -6.78
CA LEU D 218 44.22 -9.91 -7.34
C LEU D 218 45.17 -9.41 -6.26
N THR D 219 46.47 -9.41 -6.55
CA THR D 219 47.53 -9.01 -5.57
C THR D 219 48.21 -7.70 -5.98
N GLY D 220 47.83 -7.12 -7.11
CA GLY D 220 48.36 -5.82 -7.55
C GLY D 220 47.49 -5.22 -8.63
N LYS D 221 47.71 -3.96 -8.95
CA LYS D 221 46.88 -3.27 -9.98
C LYS D 221 47.17 -3.89 -11.35
N LEU D 222 46.12 -4.04 -12.15
CA LEU D 222 46.23 -4.63 -13.50
C LEU D 222 46.82 -3.61 -14.48
N GLY D 223 46.62 -2.33 -14.22
CA GLY D 223 47.00 -1.25 -15.15
C GLY D 223 46.25 -1.37 -16.46
N THR D 224 46.92 -1.10 -17.56
CA THR D 224 46.32 -1.17 -18.91
C THR D 224 46.70 -2.52 -19.50
N LEU D 225 45.72 -3.30 -19.95
CA LEU D 225 45.97 -4.59 -20.64
C LEU D 225 46.00 -4.32 -22.14
N TYR D 226 46.75 -5.13 -22.87
CA TYR D 226 46.81 -5.08 -24.36
C TYR D 226 46.47 -6.47 -24.89
N LEU D 227 45.27 -6.63 -25.44
CA LEU D 227 44.75 -7.96 -25.83
C LEU D 227 44.44 -7.99 -27.32
N PRO D 228 44.60 -9.15 -27.99
CA PRO D 228 44.36 -9.24 -29.43
C PRO D 228 42.88 -8.96 -29.75
N ASP D 229 42.67 -7.93 -30.56
CA ASP D 229 41.34 -7.34 -30.87
C ASP D 229 40.54 -7.12 -29.58
N GLY D 230 41.23 -6.78 -28.50
CA GLY D 230 40.61 -6.38 -27.22
C GLY D 230 39.86 -7.50 -26.53
N ILE D 231 40.29 -8.75 -26.73
CA ILE D 231 39.69 -9.89 -25.96
C ILE D 231 40.78 -10.88 -25.54
N ALA D 232 40.59 -11.47 -24.37
CA ALA D 232 41.43 -12.59 -23.87
C ALA D 232 40.59 -13.38 -22.87
N VAL D 233 40.90 -14.66 -22.71
CA VAL D 233 40.19 -15.52 -21.72
C VAL D 233 41.22 -16.31 -20.93
N HIS D 234 40.78 -16.84 -19.80
CA HIS D 234 41.58 -17.79 -18.99
C HIS D 234 41.86 -19.04 -19.80
N VAL D 235 43.08 -19.55 -19.67
CA VAL D 235 43.46 -20.88 -20.20
C VAL D 235 43.94 -21.70 -19.00
N SER D 236 43.17 -22.69 -18.60
CA SER D 236 43.52 -23.53 -17.44
C SER D 236 44.48 -24.63 -17.90
N ARG D 237 45.39 -24.97 -17.03
CA ARG D 237 46.35 -26.08 -17.20
C ARG D 237 46.11 -27.07 -16.07
N LYS D 238 45.77 -28.30 -16.44
CA LYS D 238 45.55 -29.42 -15.51
C LYS D 238 46.38 -30.60 -16.04
N GLY D 239 47.23 -31.20 -15.21
CA GLY D 239 48.17 -32.23 -15.67
C GLY D 239 49.02 -31.71 -16.83
N ASN D 240 48.91 -32.30 -18.01
CA ASN D 240 49.65 -31.82 -19.22
C ASN D 240 48.69 -31.19 -20.23
N SER D 241 47.48 -30.87 -19.79
CA SER D 241 46.42 -30.40 -20.71
C SER D 241 46.19 -28.91 -20.47
N MSE D 242 45.73 -28.26 -21.51
CA MSE D 242 45.26 -26.87 -21.42
C MSE D 242 43.89 -26.79 -22.09
O MSE D 242 43.56 -27.63 -22.96
CB MSE D 242 46.32 -25.94 -22.00
CG MSE D 242 46.36 -25.85 -23.47
SE MSE D 242 48.04 -25.03 -24.01
CE MSE D 242 48.21 -23.46 -22.89
N SER D 243 43.09 -25.82 -21.66
CA SER D 243 41.70 -25.68 -22.11
C SER D 243 41.27 -24.22 -22.01
N LEU D 244 40.61 -23.70 -23.03
CA LEU D 244 39.89 -22.40 -22.93
C LEU D 244 38.93 -22.47 -21.75
N GLU D 245 38.90 -21.44 -20.93
CA GLU D 245 38.01 -21.37 -19.75
C GLU D 245 37.31 -20.00 -19.71
N ASN D 246 36.20 -19.93 -19.00
CA ASN D 246 35.45 -18.66 -18.80
C ASN D 246 35.66 -18.12 -17.38
N GLY D 247 36.67 -18.61 -16.66
CA GLY D 247 37.05 -18.10 -15.33
C GLY D 247 37.59 -16.67 -15.38
N ILE D 248 38.19 -16.29 -16.51
CA ILE D 248 38.53 -14.87 -16.81
C ILE D 248 38.06 -14.58 -18.23
N ILE D 249 37.33 -13.48 -18.41
CA ILE D 249 36.95 -12.95 -19.76
C ILE D 249 37.16 -11.43 -19.74
N ALA D 250 38.05 -10.93 -20.59
CA ALA D 250 38.34 -9.50 -20.69
C ALA D 250 37.95 -9.03 -22.10
N VAL D 251 37.07 -8.04 -22.17
CA VAL D 251 36.70 -7.40 -23.46
C VAL D 251 36.91 -5.89 -23.34
N ASN D 252 37.37 -5.27 -24.40
CA ASN D 252 37.69 -3.82 -24.42
C ASN D 252 36.46 -2.99 -24.82
N ARG D 253 35.36 -3.62 -25.23
CA ARG D 253 34.18 -2.89 -25.71
C ARG D 253 32.94 -3.76 -25.52
N SER D 254 31.78 -3.11 -25.49
CA SER D 254 30.46 -3.77 -25.53
C SER D 254 30.28 -4.51 -26.88
N GLU D 255 29.47 -5.57 -26.84
CA GLU D 255 29.05 -6.32 -28.07
C GLU D 255 30.31 -6.76 -28.82
N HIS D 256 31.31 -7.26 -28.09
CA HIS D 256 32.56 -7.76 -28.71
C HIS D 256 32.23 -8.82 -29.74
N PRO D 257 32.66 -8.66 -31.02
CA PRO D 257 32.20 -9.54 -32.10
C PRO D 257 32.47 -11.03 -31.87
N ALA D 258 33.45 -11.37 -31.03
CA ALA D 258 33.72 -12.78 -30.66
C ALA D 258 32.60 -13.31 -29.74
N LEU D 259 32.19 -12.56 -28.73
CA LEU D 259 31.03 -12.92 -27.89
C LEU D 259 29.75 -12.83 -28.73
N LYS D 260 29.68 -11.89 -29.65
CA LYS D 260 28.50 -11.78 -30.54
C LYS D 260 28.41 -13.05 -31.39
N LYS D 261 29.57 -13.54 -31.83
CA LYS D 261 29.61 -14.81 -32.57
C LYS D 261 29.11 -15.95 -31.66
N GLY D 262 29.53 -15.95 -30.40
CA GLY D 262 29.09 -16.95 -29.42
C GLY D 262 27.58 -16.95 -29.25
N LEU D 263 26.96 -15.77 -29.22
CA LEU D 263 25.49 -15.68 -29.11
C LEU D 263 24.80 -16.16 -30.41
N GLU D 264 25.38 -15.84 -31.56
CA GLU D 264 24.78 -16.26 -32.85
C GLU D 264 24.80 -17.79 -32.92
N ILE D 265 25.82 -18.45 -32.35
CA ILE D 265 25.87 -19.94 -32.30
C ILE D 265 24.73 -20.42 -31.38
N MSE D 266 24.50 -19.73 -30.26
CA MSE D 266 23.38 -20.08 -29.35
C MSE D 266 22.04 -19.95 -30.09
O MSE D 266 21.10 -20.67 -29.76
CB MSE D 266 23.34 -19.14 -28.13
CG MSE D 266 24.59 -19.08 -27.27
SE MSE D 266 24.69 -20.61 -26.15
CE MSE D 266 23.09 -20.53 -25.05
N HIS D 267 21.92 -19.01 -31.04
CA HIS D 267 20.66 -18.73 -31.77
C HIS D 267 20.43 -19.72 -32.91
N SER D 268 21.46 -20.46 -33.34
CA SER D 268 21.39 -21.39 -34.50
C SER D 268 21.56 -22.86 -34.08
N LYS D 269 22.22 -23.15 -32.96
CA LYS D 269 22.51 -24.54 -32.52
C LYS D 269 21.41 -24.99 -31.59
N PRO D 270 20.82 -26.18 -31.80
CA PRO D 270 19.66 -26.61 -31.03
C PRO D 270 19.90 -26.74 -29.52
N TYR D 271 21.08 -27.23 -29.09
CA TYR D 271 21.35 -27.41 -27.64
C TYR D 271 22.64 -26.68 -27.24
N GLY D 272 22.75 -25.43 -27.68
CA GLY D 272 23.91 -24.54 -27.44
C GLY D 272 24.26 -24.43 -25.96
N ASP D 273 25.53 -24.63 -25.64
CA ASP D 273 26.04 -24.44 -24.27
C ASP D 273 26.71 -23.07 -24.16
N PRO D 274 26.36 -22.27 -23.14
CA PRO D 274 26.94 -20.94 -22.97
C PRO D 274 28.47 -20.94 -22.89
N TYR D 275 29.06 -22.01 -22.35
CA TYR D 275 30.53 -22.12 -22.18
C TYR D 275 31.14 -22.63 -23.48
N ILE D 276 30.75 -23.84 -23.91
CA ILE D 276 31.37 -24.52 -25.09
C ILE D 276 31.10 -23.70 -26.35
N ASP D 277 29.89 -23.18 -26.52
CA ASP D 277 29.48 -22.48 -27.77
C ASP D 277 29.55 -20.96 -27.58
N GLY D 278 29.00 -20.44 -26.49
CA GLY D 278 28.94 -18.98 -26.24
C GLY D 278 30.31 -18.34 -26.11
N VAL D 279 31.29 -19.06 -25.56
CA VAL D 279 32.64 -18.50 -25.34
C VAL D 279 33.65 -19.21 -26.24
N CYS D 280 33.84 -20.51 -26.07
CA CYS D 280 34.89 -21.28 -26.78
C CYS D 280 34.54 -21.28 -28.27
N GLY D 281 33.30 -21.63 -28.64
CA GLY D 281 32.86 -21.65 -30.05
C GLY D 281 33.00 -20.28 -30.69
N GLY D 282 32.52 -19.25 -29.99
CA GLY D 282 32.58 -17.86 -30.47
C GLY D 282 34.02 -17.41 -30.77
N LEU D 283 34.92 -17.61 -29.81
CA LEU D 283 36.36 -17.25 -29.94
C LEU D 283 36.97 -18.00 -31.11
N ARG D 284 36.74 -19.30 -31.18
CA ARG D 284 37.42 -20.17 -32.16
C ARG D 284 36.94 -19.74 -33.55
N HIS D 285 35.64 -19.50 -33.73
CA HIS D 285 35.10 -19.11 -35.04
C HIS D 285 35.66 -17.74 -35.41
N TYR D 286 35.67 -16.82 -34.45
CA TYR D 286 36.11 -15.42 -34.68
C TYR D 286 37.58 -15.36 -35.15
N PHE D 287 38.48 -16.09 -34.54
CA PHE D 287 39.92 -16.06 -34.86
C PHE D 287 40.32 -17.18 -35.83
N ASN D 288 39.34 -17.93 -36.32
CA ASN D 288 39.56 -19.09 -37.23
C ASN D 288 40.52 -20.10 -36.58
N CYS D 289 40.30 -20.45 -35.31
CA CYS D 289 40.86 -21.68 -34.73
C CYS D 289 39.92 -22.83 -35.13
N SER D 290 39.95 -23.21 -36.40
CA SER D 290 39.18 -24.36 -36.95
C SER D 290 39.68 -25.67 -36.32
N ILE D 291 39.04 -26.79 -36.67
CA ILE D 291 39.44 -28.11 -36.11
C ILE D 291 40.83 -28.48 -36.68
N ARG D 292 41.19 -27.96 -37.87
CA ARG D 292 42.48 -28.24 -38.57
C ARG D 292 43.61 -27.30 -38.09
N HIS D 293 43.36 -26.46 -37.07
CA HIS D 293 44.36 -25.51 -36.51
C HIS D 293 44.90 -26.08 -35.19
N ASN D 294 46.02 -25.53 -34.71
CA ASN D 294 46.66 -25.92 -33.45
C ASN D 294 45.92 -25.23 -32.29
N TYR D 295 45.15 -25.99 -31.54
CA TYR D 295 44.42 -25.53 -30.33
C TYR D 295 45.40 -25.00 -29.29
N GLU D 296 46.55 -25.64 -29.15
CA GLU D 296 47.60 -25.20 -28.20
C GLU D 296 48.12 -23.81 -28.61
N GLU D 297 48.33 -23.59 -29.90
CA GLU D 297 48.81 -22.28 -30.42
C GLU D 297 47.76 -21.22 -30.10
N PHE D 298 46.49 -21.53 -30.30
CA PHE D 298 45.37 -20.59 -30.04
C PHE D 298 45.33 -20.21 -28.55
N CYS D 299 45.51 -21.19 -27.67
CA CYS D 299 45.50 -20.96 -26.21
C CYS D 299 46.60 -19.95 -25.82
N ASN D 300 47.81 -20.17 -26.31
CA ASN D 300 48.95 -19.26 -26.01
C ASN D 300 48.65 -17.86 -26.57
N PHE D 301 48.00 -17.78 -27.74
CA PHE D 301 47.67 -16.49 -28.39
C PHE D 301 46.59 -15.74 -27.59
N ILE D 302 45.53 -16.43 -27.18
CA ILE D 302 44.34 -15.76 -26.58
C ILE D 302 44.47 -15.66 -25.05
N GLU D 303 45.46 -16.31 -24.45
CA GLU D 303 45.46 -16.46 -22.96
C GLU D 303 45.59 -15.11 -22.26
N PHE D 304 44.77 -14.87 -21.24
CA PHE D 304 44.91 -13.73 -20.31
C PHE D 304 46.05 -13.99 -19.32
N LYS D 305 47.12 -13.20 -19.38
CA LYS D 305 48.32 -13.37 -18.53
C LYS D 305 48.54 -12.10 -17.73
N HIS D 306 48.76 -12.19 -16.42
CA HIS D 306 49.08 -11.02 -15.58
C HIS D 306 49.75 -11.47 -14.29
N GLU D 307 50.86 -10.85 -13.92
CA GLU D 307 51.69 -11.25 -12.76
C GLU D 307 50.89 -11.12 -11.45
N HIS D 308 49.89 -10.24 -11.39
CA HIS D 308 49.14 -9.92 -10.15
C HIS D 308 47.84 -10.73 -10.03
N ILE D 309 47.53 -11.60 -10.98
CA ILE D 309 46.42 -12.59 -10.85
C ILE D 309 47.00 -13.89 -10.27
N PHE D 310 46.47 -14.31 -9.14
CA PHE D 310 46.95 -15.50 -8.39
C PHE D 310 45.89 -16.61 -8.43
N MSE D 311 46.26 -17.82 -8.83
CA MSE D 311 45.35 -19.00 -8.82
C MSE D 311 45.04 -19.41 -7.38
O MSE D 311 45.87 -19.17 -6.48
CB MSE D 311 45.93 -20.17 -9.62
CG MSE D 311 46.39 -19.80 -11.02
SE MSE D 311 44.93 -19.39 -12.30
CE MSE D 311 44.55 -17.51 -11.94
N ASP D 312 43.86 -19.97 -7.18
CA ASP D 312 43.36 -20.46 -5.87
C ASP D 312 44.37 -21.48 -5.35
N THR D 313 44.74 -21.37 -4.08
CA THR D 313 45.69 -22.28 -3.39
C THR D 313 44.93 -23.31 -2.53
N SER D 314 43.72 -22.99 -2.05
CA SER D 314 42.95 -23.82 -1.09
C SER D 314 42.68 -25.22 -1.65
N SER D 315 42.42 -25.31 -2.96
CA SER D 315 42.30 -26.57 -3.74
C SER D 315 43.37 -27.58 -3.31
N LEU D 316 44.64 -27.15 -3.27
CA LEU D 316 45.85 -28.01 -3.37
C LEU D 316 46.03 -28.84 -2.10
N THR D 317 46.82 -29.93 -2.19
CA THR D 317 47.24 -30.86 -1.10
C THR D 317 48.67 -31.35 -1.40
N ILE D 318 49.10 -32.52 -0.88
CA ILE D 318 50.38 -33.21 -1.28
C ILE D 318 50.34 -33.49 -2.79
#